data_7YLD
#
_entry.id   7YLD
#
_cell.length_a   52.551
_cell.length_b   74.303
_cell.length_c   87.451
_cell.angle_alpha   108.51
_cell.angle_beta   104.22
_cell.angle_gamma   96.67
#
_symmetry.space_group_name_H-M   'P 1'
#
loop_
_entity.id
_entity.type
_entity.pdbx_description
1 polymer Nucleoprotein
2 polymer NN2
#
loop_
_entity_poly.entity_id
_entity_poly.type
_entity_poly.pdbx_seq_one_letter_code
_entity_poly.pdbx_strand_id
1 'polypeptide(L)'
;GSGTNNTASWFTALTQHGKEDLKFPRGQGVPINTNSSPDDQIGYYRRATRRIRGGDGKMKDLSPRWYFYYLGTGPEAGLP
YGANKDGIIWVATEGALNTPKDHIGTRNPANNAAIVLQLPQGTTLPKGFYAE
;
A,B,C,D
2 'polypeptide(L)'
;GSDVPRDLEVVVATPTSLLISWPANYYNIRYYRITYGETGGNSPVQEFTVPGSKSTATISGLKPGVDYTIALYAVTTRWR
LYQMWQPISINYRT
;
E,I,F,G
#
# COMPACT_ATOMS: atom_id res chain seq x y z
N THR A 7 12.32 1.47 -18.49
CA THR A 7 12.91 0.74 -17.36
C THR A 7 11.85 0.55 -16.25
N ALA A 8 11.81 -0.67 -15.69
CA ALA A 8 10.84 -1.03 -14.66
C ALA A 8 11.48 -2.00 -13.67
N SER A 9 11.16 -1.84 -12.39
CA SER A 9 11.75 -2.70 -11.37
C SER A 9 11.15 -4.08 -11.49
N TRP A 10 12.02 -5.10 -11.56
CA TRP A 10 11.53 -6.46 -11.71
C TRP A 10 10.50 -6.80 -10.65
N PHE A 11 10.55 -6.14 -9.49
CA PHE A 11 9.68 -6.50 -8.38
C PHE A 11 8.69 -5.38 -8.10
N THR A 12 7.92 -5.59 -7.04
CA THR A 12 6.94 -4.62 -6.58
C THR A 12 7.55 -3.85 -5.42
N ALA A 13 6.81 -2.85 -4.92
CA ALA A 13 7.44 -1.90 -4.02
C ALA A 13 7.29 -2.33 -2.57
N LEU A 14 8.24 -1.92 -1.75
CA LEU A 14 8.06 -1.87 -0.31
C LEU A 14 7.51 -0.49 0.06
N THR A 15 6.22 -0.42 0.40
CA THR A 15 5.65 0.87 0.76
C THR A 15 5.87 1.14 2.24
N GLN A 16 6.44 2.31 2.52
CA GLN A 16 6.69 2.72 3.89
C GLN A 16 5.44 3.34 4.51
N HIS A 17 5.16 2.98 5.76
CA HIS A 17 3.95 3.43 6.44
C HIS A 17 4.25 4.03 7.80
N GLY A 18 5.42 4.67 7.94
CA GLY A 18 5.86 5.15 9.22
C GLY A 18 6.96 6.20 9.19
N LYS A 19 7.95 6.01 10.07
CA LYS A 19 8.86 7.06 10.47
C LYS A 19 10.28 6.75 10.03
N GLU A 20 10.93 5.74 10.62
CA GLU A 20 12.27 5.34 10.19
C GLU A 20 12.24 4.91 8.73
N ASP A 21 13.34 5.19 8.04
CA ASP A 21 13.39 4.86 6.63
C ASP A 21 13.90 3.43 6.42
N LEU A 22 13.95 3.01 5.15
CA LEU A 22 14.26 1.62 4.85
C LEU A 22 15.72 1.29 5.11
N LYS A 23 15.95 0.24 5.91
CA LYS A 23 17.28 -0.29 6.15
C LYS A 23 17.18 -1.81 6.38
N PHE A 24 18.35 -2.49 6.35
CA PHE A 24 18.45 -3.96 6.39
C PHE A 24 19.75 -4.44 7.01
N PRO A 25 19.71 -5.13 8.15
CA PRO A 25 20.93 -5.75 8.69
C PRO A 25 21.75 -6.48 7.63
N ARG A 26 23.02 -6.68 7.89
CA ARG A 26 23.93 -7.06 6.80
C ARG A 26 23.62 -8.47 6.33
N GLY A 27 23.43 -8.63 5.02
CA GLY A 27 23.04 -9.91 4.46
C GLY A 27 21.54 -10.12 4.26
N GLN A 28 20.70 -9.24 4.77
CA GLN A 28 19.29 -9.25 4.49
C GLN A 28 18.94 -8.16 3.50
N GLY A 29 17.81 -8.33 2.83
CA GLY A 29 17.29 -7.33 1.92
C GLY A 29 17.13 -7.77 0.48
N VAL A 30 17.88 -8.74 0.02
CA VAL A 30 17.71 -9.10 -1.39
C VAL A 30 16.32 -9.70 -1.59
N PRO A 31 15.51 -9.19 -2.52
CA PRO A 31 14.24 -9.86 -2.78
C PRO A 31 14.54 -11.25 -3.31
N ILE A 32 13.64 -12.17 -2.97
CA ILE A 32 13.74 -13.57 -3.34
C ILE A 32 13.52 -13.71 -4.84
N ASN A 33 14.35 -14.54 -5.50
CA ASN A 33 14.16 -14.85 -6.92
C ASN A 33 14.85 -16.17 -7.20
N THR A 34 14.04 -17.23 -7.31
CA THR A 34 14.52 -18.60 -7.47
C THR A 34 15.19 -18.81 -8.81
N ASN A 35 14.83 -18.01 -9.83
CA ASN A 35 15.47 -18.08 -11.13
C ASN A 35 16.70 -17.19 -11.23
N SER A 36 17.61 -17.26 -10.26
CA SER A 36 18.77 -16.35 -10.17
C SER A 36 19.88 -17.02 -9.38
N SER A 37 21.11 -16.82 -9.79
CA SER A 37 22.22 -17.52 -9.18
C SER A 37 22.69 -16.82 -7.90
N PRO A 38 23.48 -17.51 -7.08
CA PRO A 38 23.93 -16.87 -5.82
C PRO A 38 24.79 -15.64 -6.06
N ASP A 39 25.49 -15.64 -7.18
CA ASP A 39 26.39 -14.51 -7.45
C ASP A 39 25.58 -13.34 -8.00
N ASP A 40 24.30 -13.53 -8.27
CA ASP A 40 23.47 -12.43 -8.81
C ASP A 40 22.71 -11.75 -7.66
N GLN A 41 22.95 -12.16 -6.41
CA GLN A 41 22.15 -11.67 -5.26
C GLN A 41 22.70 -10.36 -4.69
N ILE A 42 22.36 -9.26 -5.35
CA ILE A 42 22.97 -7.98 -5.02
C ILE A 42 22.32 -6.83 -5.78
N GLY A 43 22.29 -5.62 -5.20
CA GLY A 43 21.58 -4.53 -5.81
C GLY A 43 21.21 -3.45 -4.78
N TYR A 44 20.18 -2.68 -5.10
CA TYR A 44 19.88 -1.55 -4.24
C TYR A 44 18.39 -1.26 -4.18
N TYR A 45 17.94 -0.76 -3.02
CA TYR A 45 16.61 -0.18 -2.87
C TYR A 45 16.75 1.32 -3.05
N ARG A 46 16.01 1.88 -3.98
CA ARG A 46 15.99 3.35 -4.14
C ARG A 46 14.58 3.87 -3.94
N ARG A 47 14.31 4.60 -2.85
CA ARG A 47 12.98 5.25 -2.66
C ARG A 47 12.78 6.07 -3.93
N ALA A 48 11.99 5.56 -4.85
CA ALA A 48 12.02 6.09 -6.23
C ALA A 48 10.95 7.12 -6.55
N THR A 49 11.16 7.70 -7.74
CA THR A 49 10.33 8.71 -8.43
C THR A 49 10.41 8.44 -9.94
N LEU A 62 3.25 12.61 -1.40
CA LEU A 62 2.73 11.29 -1.06
C LEU A 62 3.64 10.54 -0.06
N SER A 63 3.58 9.22 -0.07
CA SER A 63 4.35 8.37 0.83
C SER A 63 5.61 7.86 0.13
N PRO A 64 6.55 7.30 0.87
CA PRO A 64 7.75 6.73 0.23
C PRO A 64 7.64 5.25 -0.10
N ARG A 65 8.17 4.91 -1.27
CA ARG A 65 8.16 3.55 -1.75
C ARG A 65 9.53 3.19 -2.30
N TRP A 66 10.08 2.09 -1.82
CA TRP A 66 11.40 1.62 -2.23
C TRP A 66 11.31 0.47 -3.23
N TYR A 67 11.82 0.69 -4.41
CA TYR A 67 11.92 -0.30 -5.47
C TYR A 67 13.28 -1.00 -5.45
N PHE A 68 13.29 -2.32 -5.69
CA PHE A 68 14.54 -3.06 -5.78
C PHE A 68 15.05 -3.11 -7.22
N TYR A 69 16.33 -2.79 -7.39
CA TYR A 69 17.00 -2.95 -8.67
C TYR A 69 18.31 -3.66 -8.39
N TYR A 70 18.68 -4.59 -9.29
CA TYR A 70 19.97 -5.26 -9.15
C TYR A 70 21.15 -4.30 -9.40
N LEU A 71 22.28 -4.71 -8.85
CA LEU A 71 23.54 -4.05 -9.13
C LEU A 71 23.70 -3.85 -10.63
N GLY A 72 24.15 -2.66 -11.02
CA GLY A 72 24.33 -2.34 -12.43
C GLY A 72 23.08 -2.30 -13.29
N THR A 73 21.89 -2.33 -12.67
CA THR A 73 20.70 -2.08 -13.46
C THR A 73 19.90 -0.99 -12.77
N GLY A 74 18.96 -0.42 -13.49
CA GLY A 74 18.08 0.59 -12.94
C GLY A 74 18.50 1.98 -13.32
N PRO A 75 17.81 2.99 -12.78
CA PRO A 75 18.24 4.38 -13.02
C PRO A 75 19.65 4.66 -12.55
N GLU A 76 20.07 4.03 -11.45
CA GLU A 76 21.38 4.27 -10.86
C GLU A 76 22.39 3.22 -11.27
N ALA A 77 22.36 2.80 -12.51
CA ALA A 77 23.07 1.58 -12.89
C ALA A 77 24.56 1.78 -12.97
N GLY A 78 25.03 3.01 -12.70
CA GLY A 78 26.44 3.41 -12.74
C GLY A 78 26.96 3.63 -11.34
N LEU A 79 26.08 3.48 -10.38
CA LEU A 79 26.49 3.52 -8.99
C LEU A 79 27.39 2.35 -8.70
N PRO A 80 28.59 2.57 -8.19
CA PRO A 80 29.25 1.47 -7.52
C PRO A 80 28.37 0.97 -6.39
N TYR A 81 28.62 -0.27 -5.98
CA TYR A 81 28.14 -0.74 -4.69
C TYR A 81 28.76 0.10 -3.58
N GLY A 82 27.93 0.63 -2.68
CA GLY A 82 28.45 1.41 -1.57
C GLY A 82 28.55 2.92 -1.78
N ALA A 83 28.43 3.40 -3.02
CA ALA A 83 28.25 4.82 -3.29
C ALA A 83 27.13 5.34 -2.40
N ASN A 84 27.47 6.19 -1.44
CA ASN A 84 26.53 6.72 -0.46
C ASN A 84 25.72 7.81 -1.14
N LYS A 85 24.50 7.52 -1.54
CA LYS A 85 23.62 8.49 -2.12
C LYS A 85 22.53 8.78 -1.09
N ASP A 86 21.38 9.24 -1.56
CA ASP A 86 20.25 9.38 -0.68
C ASP A 86 19.03 8.69 -1.27
N GLY A 87 18.37 7.93 -0.42
CA GLY A 87 17.28 7.09 -0.88
C GLY A 87 17.72 5.90 -1.67
N ILE A 88 19.02 5.56 -1.66
CA ILE A 88 19.53 4.29 -2.11
C ILE A 88 20.11 3.60 -0.89
N ILE A 89 19.86 2.29 -0.77
CA ILE A 89 20.54 1.47 0.23
C ILE A 89 21.03 0.23 -0.48
N TRP A 90 22.09 -0.37 0.04
CA TRP A 90 22.73 -1.50 -0.64
C TRP A 90 22.42 -2.77 0.14
N VAL A 91 21.80 -3.74 -0.52
CA VAL A 91 21.63 -5.07 0.07
C VAL A 91 22.45 -6.07 -0.76
N ALA A 92 23.07 -7.01 -0.07
CA ALA A 92 23.80 -8.09 -0.75
C ALA A 92 23.79 -9.35 0.10
N THR A 93 23.57 -10.49 -0.54
CA THR A 93 23.58 -11.73 0.20
C THR A 93 25.00 -12.30 0.15
N GLU A 94 25.39 -12.90 1.27
CA GLU A 94 26.66 -13.61 1.36
C GLU A 94 26.83 -14.53 0.17
N GLY A 95 27.86 -14.29 -0.62
CA GLY A 95 28.08 -15.06 -1.83
C GLY A 95 27.90 -14.28 -3.11
N ALA A 96 27.33 -13.08 -3.05
CA ALA A 96 27.16 -12.33 -4.27
C ALA A 96 28.50 -11.76 -4.79
N LEU A 97 28.51 -11.38 -6.07
CA LEU A 97 29.66 -10.77 -6.69
C LEU A 97 29.39 -9.28 -6.93
N ASN A 98 30.47 -8.48 -6.92
CA ASN A 98 30.41 -7.05 -7.20
C ASN A 98 30.57 -6.81 -8.71
N THR A 99 29.58 -7.23 -9.47
CA THR A 99 29.71 -7.11 -10.92
C THR A 99 28.32 -6.79 -11.45
N PRO A 100 28.22 -6.23 -12.66
CA PRO A 100 26.92 -5.78 -13.20
C PRO A 100 25.99 -6.92 -13.69
N LYS A 101 24.68 -6.68 -13.61
CA LYS A 101 23.62 -7.65 -13.99
C LYS A 101 23.10 -7.43 -15.41
N ASP A 102 23.99 -7.33 -16.39
CA ASP A 102 23.53 -7.23 -17.77
C ASP A 102 22.67 -8.43 -18.18
N HIS A 103 22.95 -9.63 -17.65
CA HIS A 103 22.17 -10.83 -17.99
C HIS A 103 20.77 -10.81 -17.38
N ILE A 104 20.54 -10.06 -16.31
CA ILE A 104 19.24 -9.95 -15.71
C ILE A 104 18.50 -8.69 -16.17
N GLY A 105 19.16 -7.53 -16.10
CA GLY A 105 18.55 -6.31 -16.62
C GLY A 105 17.39 -5.87 -15.74
N THR A 106 16.51 -5.09 -16.32
CA THR A 106 15.29 -4.72 -15.63
C THR A 106 14.03 -5.23 -16.34
N ARG A 107 12.88 -4.81 -15.82
CA ARG A 107 11.59 -5.21 -16.37
C ARG A 107 11.19 -4.23 -17.46
N ASN A 108 10.35 -4.71 -18.37
CA ASN A 108 9.64 -3.89 -19.34
C ASN A 108 8.16 -4.11 -19.06
N PRO A 109 7.46 -3.14 -18.45
CA PRO A 109 6.14 -3.44 -17.85
C PRO A 109 5.10 -3.93 -18.85
N ALA A 110 5.34 -3.77 -20.15
CA ALA A 110 4.44 -4.30 -21.17
C ALA A 110 4.61 -5.80 -21.32
N ASN A 111 5.83 -6.25 -21.63
CA ASN A 111 6.03 -7.65 -21.98
C ASN A 111 6.11 -8.58 -20.77
N ASN A 112 5.88 -8.07 -19.55
CA ASN A 112 5.91 -8.86 -18.31
C ASN A 112 5.35 -7.97 -17.21
N ALA A 113 4.90 -8.60 -16.12
CA ALA A 113 4.43 -7.89 -14.95
C ALA A 113 5.34 -8.18 -13.77
N ALA A 114 5.14 -7.42 -12.68
CA ALA A 114 6.11 -7.36 -11.60
C ALA A 114 5.86 -8.48 -10.61
N ILE A 115 6.92 -9.25 -10.35
CA ILE A 115 6.90 -10.17 -9.21
C ILE A 115 6.53 -9.40 -7.96
N VAL A 116 5.74 -10.03 -7.11
CA VAL A 116 5.49 -9.50 -5.79
C VAL A 116 6.75 -9.70 -4.94
N LEU A 117 7.36 -8.59 -4.55
CA LEU A 117 8.61 -8.63 -3.80
C LEU A 117 8.48 -9.32 -2.45
N GLN A 118 9.01 -10.53 -2.35
CA GLN A 118 9.06 -11.30 -1.12
C GLN A 118 10.50 -11.41 -0.65
N LEU A 119 10.67 -11.58 0.65
CA LEU A 119 11.92 -11.73 1.37
C LEU A 119 11.83 -12.98 2.22
N PRO A 120 12.90 -13.73 2.35
CA PRO A 120 12.83 -14.99 3.11
C PRO A 120 12.38 -14.82 4.55
N GLN A 121 12.37 -15.92 5.27
CA GLN A 121 11.92 -15.91 6.65
C GLN A 121 13.09 -15.54 7.57
N GLY A 122 12.77 -14.74 8.59
CA GLY A 122 13.75 -14.23 9.53
C GLY A 122 14.27 -12.85 9.17
N THR A 123 14.05 -12.43 7.93
CA THR A 123 14.50 -11.13 7.50
C THR A 123 13.71 -10.03 8.21
N THR A 124 14.46 -9.11 8.86
CA THR A 124 13.85 -8.05 9.63
C THR A 124 13.44 -6.90 8.71
N LEU A 125 12.43 -6.17 9.13
CA LEU A 125 11.93 -5.06 8.40
C LEU A 125 11.64 -3.96 9.41
N PRO A 126 11.91 -2.71 9.05
CA PRO A 126 11.59 -1.58 9.94
C PRO A 126 10.11 -1.50 10.25
N LYS A 127 9.79 -0.77 11.32
CA LYS A 127 8.39 -0.64 11.72
C LYS A 127 7.64 0.20 10.70
N GLY A 128 6.46 -0.27 10.29
CA GLY A 128 5.75 0.37 9.22
C GLY A 128 6.11 -0.14 7.86
N PHE A 129 6.77 -1.29 7.80
CA PHE A 129 7.08 -1.99 6.56
C PHE A 129 6.49 -3.39 6.65
N TYR A 130 5.71 -3.77 5.64
CA TYR A 130 5.12 -5.10 5.58
C TYR A 130 5.14 -5.66 4.16
N ALA B 8 0.65 -28.32 3.31
CA ALA B 8 2.00 -27.88 2.94
C ALA B 8 1.99 -27.27 1.54
N SER B 9 1.10 -26.29 1.35
CA SER B 9 0.92 -25.69 0.04
C SER B 9 2.12 -24.88 -0.37
N TRP B 10 2.61 -25.13 -1.59
CA TRP B 10 3.75 -24.36 -2.11
C TRP B 10 3.45 -22.86 -2.14
N PHE B 11 2.25 -22.46 -2.55
CA PHE B 11 1.86 -21.08 -2.74
C PHE B 11 0.95 -20.58 -1.60
N THR B 12 0.25 -19.47 -1.85
CA THR B 12 -0.77 -18.98 -0.92
C THR B 12 -2.16 -19.40 -1.41
N ALA B 13 -3.17 -18.96 -0.68
CA ALA B 13 -4.53 -19.47 -0.75
C ALA B 13 -5.46 -18.36 -1.21
N LEU B 14 -6.21 -18.60 -2.27
CA LEU B 14 -7.28 -17.68 -2.62
C LEU B 14 -8.42 -17.85 -1.63
N THR B 15 -8.71 -16.79 -0.88
CA THR B 15 -9.71 -16.83 0.18
C THR B 15 -11.08 -16.55 -0.38
N GLN B 16 -12.06 -17.32 0.11
CA GLN B 16 -13.39 -17.44 -0.47
C GLN B 16 -14.40 -16.57 0.29
N HIS B 17 -14.29 -15.25 0.12
CA HIS B 17 -15.27 -14.32 0.69
C HIS B 17 -16.43 -14.12 -0.30
N GLY B 18 -17.09 -15.21 -0.71
CA GLY B 18 -18.09 -15.10 -1.77
C GLY B 18 -19.02 -16.31 -1.92
N LYS B 19 -19.77 -16.33 -3.03
CA LYS B 19 -20.86 -17.28 -3.24
C LYS B 19 -20.50 -18.44 -4.18
N GLU B 20 -19.64 -18.21 -5.15
CA GLU B 20 -19.24 -19.25 -6.09
C GLU B 20 -18.03 -20.01 -5.58
N ASP B 21 -17.95 -21.27 -5.98
CA ASP B 21 -16.77 -22.09 -5.81
C ASP B 21 -15.70 -21.72 -6.84
N LEU B 22 -14.49 -22.21 -6.64
CA LEU B 22 -13.40 -21.75 -7.49
C LEU B 22 -13.43 -22.54 -8.78
N LYS B 23 -13.59 -21.87 -9.92
CA LYS B 23 -13.55 -22.51 -11.23
C LYS B 23 -12.82 -21.63 -12.25
N PHE B 24 -11.86 -22.20 -12.93
CA PHE B 24 -11.11 -21.46 -13.94
C PHE B 24 -11.44 -21.98 -15.34
N PRO B 25 -11.57 -21.09 -16.32
CA PRO B 25 -11.69 -21.54 -17.71
C PRO B 25 -10.41 -22.25 -18.15
N ARG B 26 -10.52 -22.95 -19.27
CA ARG B 26 -9.42 -23.81 -19.73
C ARG B 26 -8.15 -23.01 -19.93
N GLY B 27 -7.04 -23.50 -19.38
CA GLY B 27 -5.76 -22.83 -19.55
C GLY B 27 -5.37 -21.92 -18.40
N GLN B 28 -6.34 -21.19 -17.87
CA GLN B 28 -6.11 -20.25 -16.79
C GLN B 28 -6.20 -20.95 -15.43
N GLY B 29 -5.40 -20.47 -14.49
CA GLY B 29 -5.59 -20.87 -13.11
C GLY B 29 -4.34 -21.30 -12.38
N VAL B 30 -3.33 -21.71 -13.13
CA VAL B 30 -2.08 -22.21 -12.55
C VAL B 30 -1.26 -21.03 -12.04
N PRO B 31 -0.80 -21.06 -10.80
CA PRO B 31 0.10 -20.01 -10.30
C PRO B 31 1.36 -19.87 -11.16
N ILE B 32 1.82 -18.63 -11.33
CA ILE B 32 3.16 -18.42 -11.89
C ILE B 32 4.18 -18.98 -10.90
N ASN B 33 5.05 -19.85 -11.39
CA ASN B 33 6.21 -20.28 -10.65
C ASN B 33 7.23 -20.60 -11.71
N THR B 34 8.28 -19.79 -11.80
CA THR B 34 9.23 -19.93 -12.89
C THR B 34 10.34 -20.94 -12.60
N ASN B 35 10.33 -21.56 -11.42
CA ASN B 35 11.15 -22.72 -11.09
C ASN B 35 10.62 -23.99 -11.76
N SER B 36 9.44 -23.93 -12.38
CA SER B 36 8.75 -25.11 -12.86
C SER B 36 8.71 -25.11 -14.38
N SER B 37 8.99 -26.27 -14.98
CA SER B 37 9.05 -26.39 -16.42
C SER B 37 7.66 -26.26 -17.05
N PRO B 38 7.59 -25.82 -18.30
CA PRO B 38 6.26 -25.55 -18.89
C PRO B 38 5.38 -26.78 -18.94
N ASP B 39 5.97 -27.95 -19.19
CA ASP B 39 5.24 -29.22 -19.11
C ASP B 39 4.62 -29.42 -17.73
N ASP B 40 5.19 -28.77 -16.70
CA ASP B 40 4.79 -28.99 -15.32
C ASP B 40 3.60 -28.14 -14.90
N GLN B 41 2.87 -27.54 -15.83
CA GLN B 41 1.90 -26.51 -15.44
C GLN B 41 0.52 -27.11 -15.29
N ILE B 42 0.35 -27.85 -14.19
CA ILE B 42 -0.86 -28.63 -13.95
C ILE B 42 -0.94 -28.96 -12.46
N GLY B 43 -2.13 -29.29 -12.01
CA GLY B 43 -2.39 -29.55 -10.61
C GLY B 43 -3.78 -29.11 -10.24
N TYR B 44 -4.08 -29.17 -8.95
CA TYR B 44 -5.42 -28.93 -8.44
C TYR B 44 -5.43 -27.88 -7.34
N TYR B 45 -6.61 -27.27 -7.15
CA TYR B 45 -6.90 -26.38 -6.03
C TYR B 45 -7.85 -27.09 -5.05
N ARG B 46 -7.40 -27.37 -3.83
CA ARG B 46 -8.19 -28.07 -2.84
C ARG B 46 -8.76 -27.10 -1.78
N ARG B 47 -10.09 -27.09 -1.63
CA ARG B 47 -10.77 -26.22 -0.66
C ARG B 47 -10.28 -26.50 0.76
N ALA B 48 -9.65 -25.50 1.36
CA ALA B 48 -8.78 -25.74 2.50
C ALA B 48 -9.55 -26.17 3.75
N THR B 49 -9.06 -27.25 4.35
CA THR B 49 -9.71 -27.87 5.49
C THR B 49 -8.89 -27.62 6.75
N PRO B 64 -12.85 -20.59 4.83
CA PRO B 64 -12.93 -21.07 3.44
C PRO B 64 -11.82 -20.50 2.54
N ARG B 65 -10.83 -21.34 2.19
CA ARG B 65 -9.65 -20.92 1.44
C ARG B 65 -9.33 -22.01 0.42
N TRP B 66 -8.44 -21.69 -0.56
CA TRP B 66 -8.17 -22.62 -1.68
C TRP B 66 -6.67 -22.72 -2.00
N TYR B 67 -5.92 -23.46 -1.21
CA TYR B 67 -4.52 -23.74 -1.53
C TYR B 67 -4.38 -24.56 -2.82
N PHE B 68 -3.21 -24.49 -3.44
CA PHE B 68 -2.93 -25.17 -4.71
C PHE B 68 -1.75 -26.12 -4.58
N TYR B 69 -1.89 -27.32 -5.10
CA TYR B 69 -0.80 -28.28 -5.17
C TYR B 69 -0.74 -28.86 -6.57
N TYR B 70 0.45 -29.37 -6.93
CA TYR B 70 0.67 -29.87 -8.27
C TYR B 70 0.08 -31.28 -8.43
N LEU B 71 -0.30 -31.57 -9.66
CA LEU B 71 -0.63 -32.92 -10.02
C LEU B 71 0.43 -33.90 -9.53
N GLY B 72 0.04 -34.78 -8.62
CA GLY B 72 0.93 -35.75 -8.03
C GLY B 72 1.23 -35.47 -6.59
N THR B 73 1.06 -34.25 -6.17
CA THR B 73 1.48 -33.85 -4.84
C THR B 73 0.25 -33.57 -4.00
N GLY B 74 0.51 -33.48 -2.70
CA GLY B 74 -0.47 -32.96 -1.77
C GLY B 74 -1.40 -33.99 -1.17
N PRO B 75 -2.42 -33.47 -0.44
CA PRO B 75 -3.43 -34.34 0.18
C PRO B 75 -4.02 -35.36 -0.78
N GLU B 76 -4.11 -35.03 -2.05
CA GLU B 76 -4.59 -35.93 -3.08
C GLU B 76 -3.50 -36.22 -4.09
N ALA B 77 -2.32 -36.63 -3.61
CA ALA B 77 -1.24 -37.03 -4.49
C ALA B 77 -1.74 -37.91 -5.62
N GLY B 78 -2.75 -38.76 -5.33
CA GLY B 78 -3.25 -39.81 -6.22
C GLY B 78 -4.61 -39.68 -6.89
N LEU B 79 -5.20 -38.51 -6.92
CA LEU B 79 -6.28 -38.28 -7.88
C LEU B 79 -5.72 -38.27 -9.28
N PRO B 80 -6.33 -38.97 -10.23
CA PRO B 80 -6.05 -38.64 -11.63
C PRO B 80 -6.66 -37.31 -11.99
N TYR B 81 -5.89 -36.52 -12.74
CA TYR B 81 -6.35 -35.27 -13.35
C TYR B 81 -7.76 -35.46 -13.91
N GLY B 82 -8.71 -34.66 -13.41
CA GLY B 82 -10.12 -34.76 -13.77
C GLY B 82 -11.00 -35.61 -12.85
N ALA B 83 -10.44 -36.33 -11.87
CA ALA B 83 -11.25 -36.91 -10.82
C ALA B 83 -12.15 -35.84 -10.20
N ASN B 84 -13.44 -36.17 -10.06
CA ASN B 84 -14.45 -35.40 -9.36
C ASN B 84 -14.34 -35.64 -7.86
N LYS B 85 -14.83 -34.68 -7.08
CA LYS B 85 -14.65 -34.60 -5.63
C LYS B 85 -15.04 -33.20 -5.20
N ASP B 86 -16.02 -33.05 -4.33
CA ASP B 86 -16.31 -31.71 -3.86
C ASP B 86 -15.12 -31.21 -3.06
N GLY B 87 -14.70 -29.97 -3.34
CA GLY B 87 -13.50 -29.45 -2.74
C GLY B 87 -12.22 -29.67 -3.51
N ILE B 88 -12.31 -29.95 -4.82
CA ILE B 88 -11.16 -29.99 -5.70
C ILE B 88 -11.64 -29.53 -7.06
N ILE B 89 -10.85 -28.68 -7.71
CA ILE B 89 -11.02 -28.44 -9.13
C ILE B 89 -9.68 -28.67 -9.82
N TRP B 90 -9.66 -28.50 -11.12
CA TRP B 90 -8.46 -28.77 -11.87
C TRP B 90 -8.21 -27.60 -12.80
N VAL B 91 -6.94 -27.20 -12.84
CA VAL B 91 -6.41 -26.23 -13.78
C VAL B 91 -5.18 -26.85 -14.45
N ALA B 92 -4.82 -26.28 -15.59
CA ALA B 92 -3.63 -26.60 -16.37
C ALA B 92 -3.50 -25.60 -17.51
N THR B 93 -2.27 -25.33 -17.93
CA THR B 93 -2.01 -24.53 -19.11
C THR B 93 -1.65 -25.42 -20.28
N GLU B 94 -1.70 -24.83 -21.49
CA GLU B 94 -1.69 -25.61 -22.73
C GLU B 94 -0.50 -26.56 -22.80
N GLY B 95 0.67 -26.15 -22.34
CA GLY B 95 1.83 -27.02 -22.48
C GLY B 95 1.96 -28.18 -21.50
N ALA B 96 0.87 -28.61 -20.90
CA ALA B 96 1.00 -29.49 -19.76
C ALA B 96 1.11 -30.96 -20.17
N LEU B 97 1.63 -31.77 -19.26
CA LEU B 97 1.70 -33.21 -19.44
C LEU B 97 1.05 -33.88 -18.24
N ASN B 98 0.04 -34.72 -18.51
CA ASN B 98 -0.71 -35.40 -17.46
C ASN B 98 0.10 -36.55 -16.89
N THR B 99 1.12 -36.17 -16.14
CA THR B 99 2.00 -37.06 -15.41
C THR B 99 2.20 -36.46 -14.03
N PRO B 100 2.52 -37.27 -13.02
CA PRO B 100 2.62 -36.72 -11.66
C PRO B 100 3.88 -35.88 -11.48
N LYS B 101 3.73 -34.81 -10.70
CA LYS B 101 4.80 -33.85 -10.42
C LYS B 101 5.60 -34.35 -9.22
N ASP B 102 6.31 -35.45 -9.46
CA ASP B 102 7.24 -35.93 -8.44
C ASP B 102 8.34 -34.90 -8.14
N HIS B 103 8.78 -34.12 -9.16
CA HIS B 103 10.02 -33.33 -9.09
C HIS B 103 9.86 -31.97 -8.46
N ILE B 104 8.81 -31.76 -7.68
CA ILE B 104 8.47 -30.45 -7.13
C ILE B 104 7.92 -30.67 -5.72
N GLY B 105 6.90 -31.50 -5.59
CA GLY B 105 6.43 -31.83 -4.26
C GLY B 105 5.68 -30.71 -3.54
N THR B 106 5.73 -30.77 -2.22
CA THR B 106 5.18 -29.78 -1.30
C THR B 106 6.28 -29.25 -0.38
N ARG B 107 6.01 -28.14 0.30
CA ARG B 107 6.98 -27.50 1.18
C ARG B 107 6.90 -28.02 2.61
N ASN B 108 7.94 -27.67 3.37
CA ASN B 108 7.84 -27.61 4.80
C ASN B 108 7.70 -26.14 5.17
N PRO B 109 6.61 -25.72 5.78
CA PRO B 109 6.48 -24.30 6.17
C PRO B 109 7.63 -23.80 7.03
N ALA B 110 8.48 -24.70 7.52
CA ALA B 110 9.61 -24.28 8.34
C ALA B 110 10.76 -23.79 7.48
N ASN B 111 11.02 -24.44 6.34
CA ASN B 111 12.22 -24.06 5.59
C ASN B 111 11.96 -22.89 4.65
N ASN B 112 10.79 -22.83 4.01
CA ASN B 112 10.52 -21.78 3.02
C ASN B 112 9.07 -21.30 3.15
N ALA B 113 8.73 -20.28 2.36
CA ALA B 113 7.50 -19.52 2.55
C ALA B 113 6.51 -19.83 1.45
N ALA B 114 5.23 -19.69 1.78
CA ALA B 114 4.22 -19.62 0.74
C ALA B 114 4.68 -18.62 -0.29
N ILE B 115 4.89 -19.08 -1.52
CA ILE B 115 4.99 -18.13 -2.60
C ILE B 115 3.66 -17.38 -2.64
N VAL B 116 3.71 -16.11 -3.05
CA VAL B 116 2.51 -15.31 -3.18
C VAL B 116 1.85 -15.75 -4.48
N LEU B 117 0.66 -16.34 -4.36
CA LEU B 117 0.01 -16.85 -5.55
C LEU B 117 -0.29 -15.71 -6.48
N GLN B 118 0.25 -15.82 -7.70
CA GLN B 118 0.26 -14.75 -8.68
C GLN B 118 -0.15 -15.38 -10.00
N LEU B 119 -1.40 -15.18 -10.39
CA LEU B 119 -1.81 -15.56 -11.73
C LEU B 119 -1.17 -14.66 -12.74
N PRO B 120 -1.02 -15.11 -13.99
CA PRO B 120 -0.59 -14.20 -15.04
C PRO B 120 -1.67 -13.17 -15.30
N GLN B 121 -1.28 -12.08 -15.93
CA GLN B 121 -2.24 -11.01 -16.17
C GLN B 121 -3.14 -11.39 -17.34
N GLY B 122 -4.44 -11.19 -17.17
CA GLY B 122 -5.42 -11.61 -18.14
C GLY B 122 -6.23 -12.81 -17.72
N THR B 123 -5.81 -13.49 -16.65
CA THR B 123 -6.57 -14.60 -16.06
C THR B 123 -7.89 -14.08 -15.54
N THR B 124 -8.97 -14.44 -16.22
CA THR B 124 -10.30 -14.14 -15.73
C THR B 124 -10.47 -14.78 -14.37
N LEU B 125 -11.29 -14.17 -13.52
CA LEU B 125 -11.43 -14.74 -12.18
C LEU B 125 -12.89 -14.71 -11.72
N PRO B 126 -13.37 -15.80 -11.13
CA PRO B 126 -14.65 -15.79 -10.44
C PRO B 126 -14.68 -14.69 -9.38
N LYS B 127 -15.81 -14.01 -9.29
CA LYS B 127 -15.95 -12.86 -8.41
C LYS B 127 -16.23 -13.30 -6.98
N GLY B 128 -15.51 -12.73 -6.02
CA GLY B 128 -15.72 -13.01 -4.62
C GLY B 128 -14.52 -13.64 -3.93
N PHE B 129 -13.36 -13.53 -4.57
CA PHE B 129 -12.13 -14.17 -4.12
C PHE B 129 -11.06 -13.11 -3.90
N TYR B 130 -10.30 -13.28 -2.82
CA TYR B 130 -9.37 -12.25 -2.37
C TYR B 130 -8.11 -12.89 -1.81
N ALA B 131 -7.07 -12.06 -1.68
CA ALA B 131 -5.80 -12.51 -1.14
C ALA B 131 -5.50 -11.86 0.22
N ALA C 8 -15.90 7.34 -5.63
CA ALA C 8 -17.15 8.00 -5.30
C ALA C 8 -17.34 8.03 -3.78
N SER C 9 -16.68 7.11 -3.07
CA SER C 9 -16.64 7.19 -1.62
C SER C 9 -15.82 8.40 -1.18
N TRP C 10 -16.20 8.99 -0.04
CA TRP C 10 -15.50 10.20 0.39
C TRP C 10 -14.09 9.92 0.90
N PHE C 11 -13.78 8.70 1.32
CA PHE C 11 -12.49 8.43 1.95
C PHE C 11 -11.65 7.42 1.18
N THR C 12 -10.42 7.27 1.64
CA THR C 12 -9.50 6.28 1.11
C THR C 12 -9.77 4.93 1.78
N ALA C 13 -9.26 3.87 1.16
CA ALA C 13 -9.64 2.49 1.45
C ALA C 13 -8.89 1.94 2.66
N LEU C 14 -9.36 0.80 3.17
CA LEU C 14 -8.74 0.11 4.30
C LEU C 14 -8.30 -1.29 3.85
N THR C 15 -7.24 -1.33 3.06
CA THR C 15 -6.72 -2.59 2.56
C THR C 15 -6.29 -3.51 3.70
N GLN C 16 -6.82 -4.75 3.72
CA GLN C 16 -6.35 -5.70 4.73
C GLN C 16 -4.97 -6.18 4.27
N HIS C 17 -3.91 -5.63 4.88
CA HIS C 17 -2.56 -6.12 4.67
C HIS C 17 -2.35 -7.38 5.50
N GLY C 18 -3.24 -8.36 5.33
CA GLY C 18 -3.19 -9.56 6.14
C GLY C 18 -4.38 -10.44 5.83
N LYS C 19 -4.67 -11.36 6.76
CA LYS C 19 -5.71 -12.35 6.53
C LYS C 19 -7.08 -11.93 7.04
N GLU C 20 -7.12 -11.25 8.19
CA GLU C 20 -8.38 -11.00 8.85
C GLU C 20 -9.27 -10.04 8.07
N ASP C 21 -10.57 -10.28 8.13
CA ASP C 21 -11.53 -9.41 7.48
C ASP C 21 -11.87 -8.21 8.38
N LEU C 22 -12.41 -7.17 7.77
CA LEU C 22 -12.62 -5.92 8.50
C LEU C 22 -13.74 -6.06 9.53
N LYS C 23 -13.44 -5.72 10.78
CA LYS C 23 -14.40 -5.75 11.86
C LYS C 23 -14.03 -4.70 12.90
N PHE C 24 -15.04 -4.00 13.43
CA PHE C 24 -14.89 -3.04 14.51
C PHE C 24 -15.68 -3.49 15.72
N PRO C 25 -15.36 -2.98 16.91
CA PRO C 25 -16.25 -3.15 18.06
C PRO C 25 -17.42 -2.17 17.99
N ARG C 26 -18.25 -2.23 19.02
CA ARG C 26 -19.47 -1.44 19.07
C ARG C 26 -19.14 0.04 19.24
N GLY C 27 -19.56 0.87 18.28
CA GLY C 27 -19.31 2.31 18.32
C GLY C 27 -18.08 2.78 17.57
N GLN C 28 -17.08 1.92 17.41
CA GLN C 28 -15.86 2.28 16.69
C GLN C 28 -16.01 1.95 15.21
N GLY C 29 -15.29 2.68 14.36
CA GLY C 29 -15.30 2.45 12.93
C GLY C 29 -15.81 3.59 12.07
N VAL C 30 -16.51 4.57 12.63
CA VAL C 30 -16.99 5.69 11.80
C VAL C 30 -15.85 6.68 11.60
N PRO C 31 -15.51 7.05 10.37
CA PRO C 31 -14.39 7.96 10.14
C PRO C 31 -14.70 9.36 10.65
N ILE C 32 -13.62 10.16 10.80
CA ILE C 32 -13.67 11.52 11.32
C ILE C 32 -14.01 12.49 10.19
N ASN C 33 -15.16 13.14 10.30
CA ASN C 33 -15.54 14.17 9.33
C ASN C 33 -16.17 15.31 10.12
N THR C 34 -15.38 16.35 10.37
CA THR C 34 -15.83 17.51 11.14
C THR C 34 -16.83 18.38 10.38
N ASN C 35 -17.08 18.08 9.10
CA ASN C 35 -18.13 18.65 8.28
C ASN C 35 -19.46 17.85 8.37
N SER C 36 -19.57 16.96 9.35
CA SER C 36 -20.82 16.25 9.58
C SER C 36 -21.11 16.21 11.07
N SER C 37 -22.40 16.09 11.40
CA SER C 37 -22.87 16.21 12.77
C SER C 37 -22.89 14.82 13.40
N PRO C 38 -23.15 14.70 14.72
CA PRO C 38 -23.16 13.33 15.28
C PRO C 38 -24.28 12.50 14.73
N ASP C 39 -25.43 13.13 14.51
CA ASP C 39 -26.55 12.43 13.93
C ASP C 39 -26.25 11.88 12.54
N ASP C 40 -25.09 12.24 11.96
CA ASP C 40 -24.72 11.80 10.62
C ASP C 40 -23.72 10.64 10.62
N GLN C 41 -23.44 10.06 11.78
CA GLN C 41 -22.21 9.30 12.01
C GLN C 41 -22.43 7.78 11.95
N ILE C 42 -22.83 7.28 10.77
CA ILE C 42 -23.35 5.89 10.63
C ILE C 42 -23.34 5.46 9.17
N GLY C 43 -22.78 4.30 8.89
CA GLY C 43 -22.74 3.81 7.53
C GLY C 43 -22.02 2.49 7.46
N TYR C 44 -21.52 2.15 6.27
CA TYR C 44 -20.99 0.80 6.02
C TYR C 44 -19.67 0.80 5.26
N TYR C 45 -18.73 -0.03 5.72
CA TYR C 45 -17.61 -0.40 4.87
C TYR C 45 -18.04 -1.45 3.84
N ARG C 46 -17.88 -1.14 2.57
CA ARG C 46 -18.10 -2.10 1.50
C ARG C 46 -16.74 -2.57 0.98
N ARG C 47 -16.49 -3.88 1.09
CA ARG C 47 -15.23 -4.46 0.60
C ARG C 47 -15.23 -4.47 -0.93
N ALA C 48 -14.21 -3.84 -1.50
CA ALA C 48 -14.09 -3.53 -2.94
C ALA C 48 -15.39 -3.62 -3.74
N LEU C 62 -5.73 -7.78 -6.90
CA LEU C 62 -6.23 -8.97 -6.23
C LEU C 62 -6.40 -8.73 -4.74
N SER C 63 -5.98 -7.58 -4.27
CA SER C 63 -6.12 -7.48 -2.83
C SER C 63 -7.29 -6.59 -2.45
N PRO C 64 -7.91 -6.86 -1.31
CA PRO C 64 -9.17 -6.20 -0.98
C PRO C 64 -9.03 -4.84 -0.32
N ARG C 65 -9.84 -3.89 -0.80
CA ARG C 65 -9.97 -2.56 -0.23
C ARG C 65 -11.36 -2.39 0.39
N TRP C 66 -11.46 -1.66 1.48
CA TRP C 66 -12.71 -1.58 2.25
C TRP C 66 -13.15 -0.13 2.38
N TYR C 67 -13.91 0.37 1.42
CA TYR C 67 -14.35 1.77 1.46
C TYR C 67 -15.54 1.94 2.41
N PHE C 68 -15.51 3.04 3.21
CA PHE C 68 -16.67 3.44 3.97
C PHE C 68 -17.54 4.40 3.17
N TYR C 69 -18.86 4.19 3.27
CA TYR C 69 -19.89 5.05 2.75
C TYR C 69 -20.84 5.38 3.90
N TYR C 70 -21.57 6.50 3.76
CA TYR C 70 -22.53 6.93 4.78
C TYR C 70 -23.87 6.27 4.54
N LEU C 71 -24.53 5.88 5.64
CA LEU C 71 -25.89 5.35 5.61
C LEU C 71 -26.74 6.10 4.60
N GLY C 72 -27.29 5.40 3.64
CA GLY C 72 -28.21 6.00 2.71
C GLY C 72 -27.59 6.45 1.42
N THR C 73 -26.35 6.05 1.13
CA THR C 73 -25.57 6.54 -0.01
C THR C 73 -24.66 5.44 -0.54
N GLY C 74 -24.27 5.58 -1.80
CA GLY C 74 -23.35 4.64 -2.40
C GLY C 74 -23.99 3.53 -3.23
N PRO C 75 -23.27 2.42 -3.40
CA PRO C 75 -23.84 1.27 -4.10
C PRO C 75 -24.82 0.48 -3.26
N GLU C 76 -24.97 0.80 -1.97
CA GLU C 76 -25.91 0.14 -1.09
C GLU C 76 -26.78 1.18 -0.38
N ALA C 77 -27.27 2.13 -1.17
CA ALA C 77 -28.18 3.13 -0.62
C ALA C 77 -29.37 2.47 0.06
N GLY C 78 -30.12 1.65 -0.69
CA GLY C 78 -31.33 1.02 -0.20
C GLY C 78 -31.15 -0.12 0.78
N LEU C 79 -29.94 -0.29 1.30
CA LEU C 79 -29.70 -1.33 2.30
C LEU C 79 -29.98 -0.80 3.68
N PRO C 80 -30.92 -1.36 4.41
CA PRO C 80 -31.13 -0.90 5.79
C PRO C 80 -29.94 -1.21 6.67
N TYR C 81 -29.63 -0.28 7.57
CA TYR C 81 -28.69 -0.55 8.65
C TYR C 81 -28.99 -1.91 9.26
N GLY C 82 -27.95 -2.74 9.34
CA GLY C 82 -28.11 -4.06 9.93
C GLY C 82 -28.50 -5.21 8.98
N ALA C 83 -28.87 -4.91 7.74
CA ALA C 83 -28.88 -5.89 6.67
C ALA C 83 -27.62 -6.73 6.65
N ASN C 84 -27.75 -8.03 6.98
CA ASN C 84 -26.65 -8.97 6.87
C ASN C 84 -26.35 -9.26 5.41
N LYS C 85 -25.15 -8.95 4.97
CA LYS C 85 -24.76 -9.10 3.57
C LYS C 85 -23.27 -9.41 3.54
N ASP C 86 -22.92 -10.49 2.86
CA ASP C 86 -21.53 -10.84 2.68
C ASP C 86 -20.80 -9.62 2.13
N GLY C 87 -19.79 -9.17 2.88
CA GLY C 87 -18.92 -8.09 2.43
C GLY C 87 -19.33 -6.69 2.81
N ILE C 88 -20.40 -6.52 3.59
CA ILE C 88 -20.83 -5.22 4.09
C ILE C 88 -20.85 -5.33 5.61
N ILE C 89 -20.19 -4.38 6.27
CA ILE C 89 -20.23 -4.28 7.73
C ILE C 89 -20.92 -2.97 8.07
N TRP C 90 -21.51 -2.90 9.26
CA TRP C 90 -22.18 -1.66 9.67
C TRP C 90 -21.40 -1.03 10.80
N VAL C 91 -21.34 0.30 10.81
CA VAL C 91 -20.71 1.05 11.88
C VAL C 91 -21.52 2.31 12.16
N ALA C 92 -21.58 2.72 13.43
CA ALA C 92 -22.23 3.97 13.81
C ALA C 92 -21.67 4.45 15.15
N THR C 93 -21.54 5.76 15.31
CA THR C 93 -21.22 6.27 16.64
C THR C 93 -22.52 6.55 17.37
N GLU C 94 -22.45 6.50 18.71
CA GLU C 94 -23.56 6.95 19.55
C GLU C 94 -24.04 8.31 19.09
N GLY C 95 -25.33 8.53 19.16
CA GLY C 95 -25.91 9.79 18.75
C GLY C 95 -26.28 9.88 17.29
N ALA C 96 -25.72 9.02 16.44
CA ALA C 96 -26.21 8.87 15.07
C ALA C 96 -27.68 8.49 15.05
N LEU C 97 -28.34 8.83 13.95
CA LEU C 97 -29.73 8.45 13.73
C LEU C 97 -29.86 7.59 12.48
N ASN C 98 -30.76 6.61 12.54
CA ASN C 98 -30.98 5.71 11.42
C ASN C 98 -31.97 6.38 10.46
N THR C 99 -31.44 7.32 9.68
CA THR C 99 -32.11 8.09 8.65
C THR C 99 -31.03 8.31 7.61
N PRO C 100 -31.35 8.57 6.34
CA PRO C 100 -30.32 8.59 5.29
C PRO C 100 -29.67 9.95 5.08
N LYS C 101 -28.34 9.92 4.95
CA LYS C 101 -27.53 11.12 4.81
C LYS C 101 -27.58 11.60 3.37
N ASP C 102 -28.69 12.26 3.04
CA ASP C 102 -28.78 12.92 1.73
C ASP C 102 -27.93 14.17 1.64
N HIS C 103 -27.74 14.88 2.76
CA HIS C 103 -26.95 16.11 2.75
C HIS C 103 -25.46 15.86 2.61
N ILE C 104 -25.02 14.60 2.55
CA ILE C 104 -23.61 14.26 2.37
C ILE C 104 -23.38 13.55 1.04
N GLY C 105 -24.16 12.53 0.74
CA GLY C 105 -24.08 12.03 -0.60
C GLY C 105 -22.76 11.31 -0.85
N THR C 106 -22.44 11.17 -2.14
CA THR C 106 -21.19 10.59 -2.55
C THR C 106 -20.25 11.66 -3.13
N ARG C 107 -19.01 11.25 -3.31
CA ARG C 107 -17.98 12.11 -3.87
C ARG C 107 -18.07 12.06 -5.39
N ASN C 108 -17.62 13.11 -6.04
CA ASN C 108 -17.51 13.20 -7.49
C ASN C 108 -16.07 12.98 -7.91
N PRO C 109 -15.81 12.26 -9.00
CA PRO C 109 -14.45 12.04 -9.50
C PRO C 109 -13.73 13.34 -9.87
N ASN C 112 -14.35 17.06 -3.94
CA ASN C 112 -14.08 16.59 -5.29
C ASN C 112 -12.83 15.68 -5.34
N ALA C 113 -12.30 15.35 -4.17
CA ALA C 113 -11.20 14.39 -4.05
C ALA C 113 -11.38 13.60 -2.75
N ALA C 114 -10.49 12.64 -2.53
CA ALA C 114 -10.65 11.72 -1.42
C ALA C 114 -10.04 12.29 -0.15
N ILE C 115 -10.51 11.78 0.99
CA ILE C 115 -10.01 12.15 2.30
C ILE C 115 -9.23 10.97 2.84
N VAL C 116 -8.15 11.26 3.57
CA VAL C 116 -7.45 10.22 4.30
C VAL C 116 -8.37 9.76 5.42
N LEU C 117 -8.84 8.53 5.32
CA LEU C 117 -9.64 7.97 6.40
C LEU C 117 -8.79 7.88 7.67
N GLN C 118 -9.30 8.44 8.75
CA GLN C 118 -8.63 8.36 10.03
C GLN C 118 -9.63 7.98 11.10
N LEU C 119 -9.19 7.21 12.07
CA LEU C 119 -10.05 6.76 13.15
C LEU C 119 -9.66 7.44 14.46
N PRO C 120 -10.57 7.50 15.43
CA PRO C 120 -10.20 8.01 16.75
C PRO C 120 -9.08 7.18 17.36
N GLN C 121 -8.25 7.85 18.15
CA GLN C 121 -7.21 7.13 18.88
C GLN C 121 -7.85 6.17 19.88
N GLY C 122 -7.32 4.94 19.94
CA GLY C 122 -7.88 3.90 20.77
C GLY C 122 -8.84 2.96 20.07
N THR C 123 -9.10 3.16 18.78
CA THR C 123 -9.91 2.23 18.02
C THR C 123 -9.12 0.96 17.72
N THR C 124 -9.64 -0.19 18.18
CA THR C 124 -8.96 -1.46 17.95
C THR C 124 -9.15 -1.89 16.49
N LEU C 125 -8.08 -2.41 15.90
CA LEU C 125 -8.09 -2.85 14.53
C LEU C 125 -7.58 -4.28 14.47
N PRO C 126 -8.02 -5.06 13.50
CA PRO C 126 -7.51 -6.42 13.36
C PRO C 126 -6.17 -6.42 12.65
N LYS C 127 -5.36 -7.42 12.98
CA LYS C 127 -4.09 -7.68 12.31
C LYS C 127 -4.24 -7.51 10.81
N GLY C 128 -3.25 -6.86 10.20
CA GLY C 128 -3.24 -6.56 8.80
C GLY C 128 -3.69 -5.16 8.47
N PHE C 129 -4.62 -4.63 9.25
CA PHE C 129 -5.09 -3.25 9.10
C PHE C 129 -4.22 -2.33 9.93
N TYR C 130 -3.69 -1.29 9.29
CA TYR C 130 -2.91 -0.25 9.98
C TYR C 130 -3.42 1.10 9.56
N ALA D 8 3.09 20.31 21.18
CA ALA D 8 2.77 19.42 20.05
C ALA D 8 2.17 20.21 18.90
N SER D 9 2.07 19.59 17.73
CA SER D 9 1.47 20.23 16.57
C SER D 9 0.00 19.81 16.50
N TRP D 10 -0.61 19.95 15.31
CA TRP D 10 -1.91 19.39 15.03
C TRP D 10 -1.91 18.40 13.90
N PHE D 11 -0.92 18.46 13.01
CA PHE D 11 -0.89 17.70 11.76
C PHE D 11 0.36 16.83 11.72
N THR D 12 0.49 16.07 10.64
CA THR D 12 1.57 15.11 10.45
C THR D 12 2.66 15.75 9.61
N ALA D 13 3.89 15.32 9.84
CA ALA D 13 5.07 16.03 9.36
C ALA D 13 5.16 16.00 7.84
N LEU D 14 5.89 16.97 7.30
CA LEU D 14 6.37 16.85 5.93
C LEU D 14 7.88 16.60 6.01
N THR D 15 8.30 15.36 5.67
CA THR D 15 9.65 14.88 5.93
C THR D 15 10.53 15.13 4.73
N GLN D 16 11.48 16.05 4.92
CA GLN D 16 12.51 16.45 3.96
C GLN D 16 13.59 15.37 3.91
N HIS D 17 13.37 14.34 3.09
CA HIS D 17 14.41 13.32 2.82
C HIS D 17 15.28 13.81 1.67
N GLY D 18 15.85 15.00 1.85
CA GLY D 18 16.59 15.69 0.81
C GLY D 18 17.31 16.95 1.25
N LYS D 19 17.50 17.89 0.32
CA LYS D 19 18.34 19.05 0.56
C LYS D 19 17.60 20.37 0.45
N GLU D 20 16.71 20.51 -0.54
CA GLU D 20 16.06 21.77 -0.81
C GLU D 20 15.04 22.05 0.27
N ASP D 21 15.09 23.25 0.83
CA ASP D 21 14.16 23.63 1.88
C ASP D 21 12.73 23.63 1.36
N LEU D 22 11.77 23.58 2.29
CA LEU D 22 10.37 23.55 1.89
C LEU D 22 10.02 24.83 1.16
N LYS D 23 9.51 24.70 -0.05
CA LYS D 23 9.13 25.81 -0.90
C LYS D 23 7.62 25.84 -1.03
N PHE D 24 7.05 27.04 -1.10
CA PHE D 24 5.66 27.23 -1.49
C PHE D 24 5.43 28.65 -2.01
N PRO D 25 4.74 28.82 -3.15
CA PRO D 25 4.42 30.19 -3.61
C PRO D 25 3.37 30.84 -2.72
N ARG D 26 2.57 31.73 -3.29
CA ARG D 26 1.71 32.61 -2.50
C ARG D 26 0.32 32.01 -2.35
N GLY D 27 -0.03 31.60 -1.13
CA GLY D 27 -1.32 31.02 -0.86
C GLY D 27 -1.46 29.55 -1.19
N GLN D 28 -0.42 28.95 -1.76
CA GLN D 28 -0.35 27.53 -2.04
C GLN D 28 0.56 26.87 -1.02
N GLY D 29 0.05 25.87 -0.31
CA GLY D 29 0.93 25.08 0.52
C GLY D 29 0.45 24.84 1.92
N VAL D 30 -0.76 25.30 2.21
CA VAL D 30 -1.36 25.26 3.56
C VAL D 30 -2.30 24.06 3.67
N PRO D 31 -2.28 23.32 4.80
CA PRO D 31 -3.13 22.13 4.95
C PRO D 31 -4.61 22.37 4.70
N ILE D 32 -5.35 21.29 4.50
CA ILE D 32 -6.80 21.33 4.42
C ILE D 32 -7.38 21.31 5.83
N ASN D 33 -8.44 22.10 6.06
CA ASN D 33 -9.20 21.96 7.30
C ASN D 33 -10.63 22.41 7.08
N THR D 34 -11.58 21.69 7.70
CA THR D 34 -12.99 22.05 7.63
C THR D 34 -13.59 22.48 8.97
N ASN D 35 -12.82 22.45 10.06
CA ASN D 35 -13.22 23.08 11.32
C ASN D 35 -12.47 24.41 11.52
N SER D 36 -12.43 25.21 10.46
CA SER D 36 -11.67 26.45 10.48
C SER D 36 -12.16 27.35 9.35
N SER D 37 -12.46 28.61 9.67
CA SER D 37 -12.89 29.53 8.65
C SER D 37 -11.73 29.88 7.73
N PRO D 38 -12.01 30.32 6.50
CA PRO D 38 -10.94 30.92 5.69
C PRO D 38 -10.16 31.96 6.48
N ASP D 39 -10.84 32.62 7.42
CA ASP D 39 -10.17 33.38 8.46
C ASP D 39 -9.14 32.52 9.19
N ASP D 40 -9.54 31.31 9.60
CA ASP D 40 -8.72 30.46 10.47
C ASP D 40 -7.70 29.65 9.68
N GLN D 41 -6.87 30.28 8.86
CA GLN D 41 -6.05 29.54 7.88
C GLN D 41 -4.76 30.29 7.56
N ILE D 42 -3.95 30.58 8.58
CA ILE D 42 -2.63 31.20 8.39
C ILE D 42 -1.65 30.52 9.33
N GLY D 43 -0.46 30.21 8.81
CA GLY D 43 0.41 29.40 9.62
C GLY D 43 1.82 29.35 9.06
N TYR D 44 2.63 28.56 9.75
CA TYR D 44 4.06 28.49 9.51
C TYR D 44 4.54 27.06 9.76
N TYR D 45 5.64 26.70 9.11
CA TYR D 45 6.30 25.42 9.28
C TYR D 45 7.50 25.56 10.20
N ARG D 46 7.87 24.48 10.89
CA ARG D 46 9.00 24.53 11.83
C ARG D 46 9.80 23.24 11.76
N ARG D 47 11.12 23.35 11.66
CA ARG D 47 12.00 22.20 11.72
C ARG D 47 12.16 21.69 13.14
N ALA D 48 12.02 20.37 13.31
CA ALA D 48 12.58 19.63 14.45
C ALA D 48 12.23 20.22 15.82
N PRO D 64 14.91 15.95 9.51
CA PRO D 64 14.41 17.29 9.26
C PRO D 64 12.94 17.28 8.90
N ARG D 65 12.08 17.54 9.89
CA ARG D 65 10.63 17.36 9.75
C ARG D 65 9.91 18.71 9.82
N TRP D 66 9.06 18.96 8.83
CA TRP D 66 8.44 20.27 8.66
C TRP D 66 7.05 20.31 9.28
N TYR D 67 7.02 20.31 10.61
CA TYR D 67 5.75 20.47 11.34
C TYR D 67 5.10 21.82 11.05
N PHE D 68 3.79 21.81 10.84
CA PHE D 68 3.03 23.04 10.62
C PHE D 68 2.38 23.52 11.91
N TYR D 69 2.61 24.79 12.24
CA TYR D 69 1.92 25.43 13.33
C TYR D 69 1.14 26.63 12.80
N TYR D 70 0.10 26.99 13.54
CA TYR D 70 -0.82 28.06 13.13
C TYR D 70 -0.35 29.36 13.75
N LEU D 71 -0.57 30.47 13.04
CA LEU D 71 -0.12 31.75 13.54
C LEU D 71 -0.64 32.00 14.95
N GLY D 72 0.20 32.66 15.76
CA GLY D 72 -0.06 32.87 17.16
C GLY D 72 0.13 31.66 18.05
N THR D 73 0.35 30.46 17.49
CA THR D 73 0.31 29.24 18.28
C THR D 73 1.50 28.35 17.94
N GLY D 74 1.83 27.47 18.87
CA GLY D 74 2.93 26.54 18.71
C GLY D 74 4.19 26.95 19.47
N PRO D 75 5.36 26.58 18.94
CA PRO D 75 6.62 27.00 19.59
C PRO D 75 7.12 28.37 19.15
N GLU D 76 6.74 28.85 17.97
CA GLU D 76 7.05 30.21 17.55
C GLU D 76 5.82 31.11 17.57
N ALA D 77 5.16 31.20 18.72
CA ALA D 77 3.88 31.91 18.78
C ALA D 77 4.05 33.42 18.64
N GLY D 78 5.12 33.98 19.22
CA GLY D 78 5.36 35.40 19.19
C GLY D 78 5.66 35.98 17.82
N LEU D 79 6.14 35.16 16.90
CA LEU D 79 6.58 35.68 15.62
C LEU D 79 5.38 36.22 14.83
N PRO D 80 5.56 37.29 14.07
CA PRO D 80 4.53 37.69 13.12
C PRO D 80 4.77 37.05 11.77
N TYR D 81 3.69 36.98 10.98
CA TYR D 81 3.83 36.70 9.56
C TYR D 81 4.86 37.64 8.98
N GLY D 82 5.90 37.07 8.39
CA GLY D 82 7.01 37.82 7.87
C GLY D 82 8.33 37.50 8.50
N ALA D 83 8.29 37.23 9.80
CA ALA D 83 9.49 37.04 10.60
C ALA D 83 10.42 36.00 9.96
N ASN D 84 11.66 36.42 9.70
CA ASN D 84 12.68 35.55 9.13
C ASN D 84 13.35 34.75 10.23
N LYS D 85 13.35 33.42 10.07
CA LYS D 85 14.05 32.55 11.01
C LYS D 85 14.35 31.26 10.28
N ASP D 86 15.62 30.90 10.17
CA ASP D 86 15.98 29.68 9.46
C ASP D 86 15.27 28.49 10.12
N GLY D 87 14.58 27.72 9.30
CA GLY D 87 13.68 26.73 9.80
C GLY D 87 12.24 27.17 9.88
N ILE D 88 11.96 28.45 9.63
CA ILE D 88 10.59 28.94 9.57
C ILE D 88 10.34 29.48 8.17
N ILE D 89 9.19 29.10 7.60
CA ILE D 89 8.68 29.65 6.36
C ILE D 89 7.19 29.91 6.56
N TRP D 90 6.58 30.72 5.69
CA TRP D 90 5.23 31.21 5.90
C TRP D 90 4.32 30.86 4.74
N VAL D 91 3.07 30.47 5.08
CA VAL D 91 1.95 30.42 4.16
C VAL D 91 0.71 30.90 4.88
N ALA D 92 -0.27 31.37 4.10
CA ALA D 92 -1.61 31.69 4.57
C ALA D 92 -2.58 31.60 3.39
N THR D 93 -3.81 31.21 3.69
CA THR D 93 -4.82 31.06 2.65
C THR D 93 -5.44 32.43 2.35
N GLU D 94 -5.37 32.84 1.09
CA GLU D 94 -5.78 34.16 0.58
C GLU D 94 -6.68 34.99 1.49
N GLY D 95 -7.78 34.42 1.99
CA GLY D 95 -8.61 35.14 2.92
C GLY D 95 -8.25 34.92 4.39
N ALA D 96 -6.97 35.08 4.72
CA ALA D 96 -6.49 34.92 6.09
C ALA D 96 -6.29 36.27 6.76
N LEU D 97 -6.45 36.30 8.08
CA LEU D 97 -6.21 37.49 8.88
C LEU D 97 -4.95 37.32 9.72
N ASN D 98 -4.24 38.42 9.93
CA ASN D 98 -2.98 38.30 10.64
C ASN D 98 -3.17 38.44 12.14
N THR D 99 -4.13 37.68 12.65
CA THR D 99 -4.45 37.69 14.09
C THR D 99 -4.11 36.32 14.65
N PRO D 100 -3.67 36.19 15.92
CA PRO D 100 -3.39 34.89 16.48
C PRO D 100 -4.71 34.12 16.57
N LYS D 101 -4.66 32.84 16.22
CA LYS D 101 -5.85 31.97 16.28
C LYS D 101 -5.90 31.35 17.68
N ASP D 102 -6.26 32.15 18.67
CA ASP D 102 -6.37 31.67 20.04
C ASP D 102 -7.18 30.38 20.10
N HIS D 103 -8.26 30.33 19.33
CA HIS D 103 -9.21 29.22 19.37
C HIS D 103 -8.66 27.92 18.80
N ILE D 104 -7.55 27.96 18.07
CA ILE D 104 -7.09 26.78 17.35
C ILE D 104 -6.03 26.06 18.17
N GLY D 105 -4.91 26.73 18.45
CA GLY D 105 -3.96 26.21 19.43
C GLY D 105 -3.18 24.98 18.96
N THR D 106 -3.22 23.94 19.78
CA THR D 106 -2.44 22.73 19.58
C THR D 106 -3.05 21.60 20.41
N ARG D 107 -2.64 20.37 20.12
CA ARG D 107 -3.14 19.20 20.86
C ARG D 107 -2.14 18.79 21.94
N ASN D 108 -2.60 17.91 22.81
CA ASN D 108 -1.79 17.39 23.92
C ASN D 108 -1.60 15.90 23.76
N ALA D 114 -4.17 13.43 15.70
CA ALA D 114 -3.08 13.93 14.87
C ALA D 114 -3.46 13.89 13.39
N ILE D 115 -3.96 15.02 12.88
CA ILE D 115 -4.48 15.05 11.52
C ILE D 115 -3.39 14.71 10.53
N VAL D 116 -3.77 14.01 9.46
CA VAL D 116 -2.85 13.69 8.37
C VAL D 116 -2.82 14.85 7.40
N LEU D 117 -1.66 15.48 7.25
CA LEU D 117 -1.54 16.67 6.41
C LEU D 117 -2.03 16.39 5.00
N GLN D 118 -2.68 17.38 4.39
CA GLN D 118 -3.34 17.17 3.12
C GLN D 118 -3.43 18.49 2.37
N LEU D 119 -2.89 18.53 1.17
CA LEU D 119 -2.97 19.73 0.37
C LEU D 119 -3.79 19.49 -0.89
N PRO D 120 -4.65 20.44 -1.28
CA PRO D 120 -5.46 20.37 -2.51
C PRO D 120 -4.66 19.94 -3.75
N GLY D 122 -0.81 19.71 -9.25
CA GLY D 122 -1.95 20.36 -8.63
C GLY D 122 -1.54 21.54 -7.78
N THR D 123 -1.32 21.28 -6.49
CA THR D 123 -0.87 22.35 -5.60
C THR D 123 0.56 22.77 -5.88
N THR D 124 1.27 22.04 -6.74
CA THR D 124 2.65 22.35 -7.17
C THR D 124 3.62 22.38 -5.99
N LEU D 125 4.03 21.20 -5.55
CA LEU D 125 4.95 20.98 -4.43
C LEU D 125 6.40 20.91 -4.91
N PRO D 126 7.39 20.81 -4.00
CA PRO D 126 8.78 20.74 -4.46
C PRO D 126 9.18 19.31 -4.76
N LYS D 127 10.49 19.06 -4.81
CA LYS D 127 11.01 17.74 -5.12
C LYS D 127 11.99 17.35 -4.01
N GLY D 128 11.47 16.74 -2.95
CA GLY D 128 12.28 16.09 -1.93
C GLY D 128 11.63 15.79 -0.59
N PHE D 129 10.30 15.59 -0.57
CA PHE D 129 9.52 15.49 0.67
C PHE D 129 8.50 14.37 0.57
N TYR D 130 8.33 13.63 1.67
CA TYR D 130 7.45 12.47 1.74
C TYR D 130 6.75 12.46 3.08
N ALA D 131 5.68 11.67 3.18
CA ALA D 131 4.89 11.65 4.40
C ALA D 131 4.89 10.28 5.07
N ARG E 6 35.07 -7.06 2.60
CA ARG E 6 33.86 -7.25 3.38
C ARG E 6 32.98 -5.99 3.47
N ASP E 7 33.41 -5.04 4.31
CA ASP E 7 32.80 -3.72 4.46
C ASP E 7 33.93 -2.70 4.49
N LEU E 8 33.63 -1.43 4.78
CA LEU E 8 34.66 -0.37 4.80
C LEU E 8 35.11 -0.13 6.25
N GLU E 9 36.18 -0.78 6.65
CA GLU E 9 36.55 -0.78 8.05
C GLU E 9 38.04 -1.04 8.12
N VAL E 10 38.60 -0.68 9.27
CA VAL E 10 40.04 -0.76 9.48
C VAL E 10 40.39 -2.18 9.87
N VAL E 11 41.40 -2.74 9.21
CA VAL E 11 41.88 -4.08 9.50
C VAL E 11 42.96 -3.99 10.57
N VAL E 12 44.17 -3.61 10.19
CA VAL E 12 45.25 -3.51 11.16
C VAL E 12 45.34 -2.05 11.62
N ALA E 13 45.51 -1.87 12.93
CA ALA E 13 45.64 -0.54 13.53
C ALA E 13 46.95 -0.45 14.30
N THR E 14 47.58 0.71 14.22
CA THR E 14 48.92 0.95 14.71
C THR E 14 48.93 2.37 15.29
N PRO E 15 49.88 2.69 16.17
CA PRO E 15 49.92 4.08 16.70
C PRO E 15 50.44 5.13 15.72
N THR E 16 50.92 4.73 14.54
CA THR E 16 51.40 5.68 13.56
C THR E 16 50.66 5.59 12.23
N SER E 17 49.90 4.53 12.01
CA SER E 17 49.24 4.30 10.73
C SER E 17 48.10 3.31 10.96
N LEU E 18 47.32 3.06 9.91
CA LEU E 18 46.23 2.09 9.97
C LEU E 18 45.97 1.54 8.57
N LEU E 19 45.45 0.31 8.52
CA LEU E 19 45.13 -0.37 7.27
C LEU E 19 43.62 -0.38 7.09
N ILE E 20 43.16 0.24 6.02
CA ILE E 20 41.73 0.28 5.70
C ILE E 20 41.41 -0.65 4.52
N SER E 21 40.19 -1.20 4.52
CA SER E 21 39.80 -2.10 3.45
C SER E 21 38.31 -2.02 3.16
N TRP E 22 37.95 -2.38 1.93
CA TRP E 22 36.61 -2.23 1.38
C TRP E 22 36.47 -3.20 0.22
N PRO E 23 35.23 -3.44 -0.27
CA PRO E 23 35.02 -4.51 -1.25
C PRO E 23 35.51 -4.08 -2.62
N ALA E 24 36.33 -4.94 -3.23
CA ALA E 24 36.93 -4.65 -4.50
C ALA E 24 35.89 -4.39 -5.57
N ASN E 25 36.32 -3.75 -6.64
CA ASN E 25 35.49 -3.49 -7.80
C ASN E 25 36.44 -3.40 -8.97
N TYR E 26 36.26 -4.25 -9.97
CA TYR E 26 37.14 -4.23 -11.14
C TYR E 26 36.38 -4.02 -12.44
N TYR E 27 35.20 -3.36 -12.38
CA TYR E 27 34.50 -2.96 -13.58
C TYR E 27 34.11 -1.49 -13.65
N ASN E 28 34.00 -0.77 -12.52
CA ASN E 28 33.29 0.51 -12.46
C ASN E 28 34.12 1.68 -11.92
N ILE E 29 35.02 1.44 -10.97
CA ILE E 29 35.86 2.46 -10.37
C ILE E 29 37.01 2.76 -11.31
N ARG E 30 37.54 4.00 -11.22
CA ARG E 30 38.76 4.41 -11.90
C ARG E 30 39.92 4.65 -10.95
N TYR E 31 39.67 5.30 -9.81
CA TYR E 31 40.63 5.34 -8.72
C TYR E 31 39.84 5.62 -7.47
N TYR E 32 40.34 5.16 -6.35
CA TYR E 32 39.88 5.62 -5.06
C TYR E 32 40.72 6.80 -4.56
N ARG E 33 40.04 7.65 -3.76
CA ARG E 33 40.60 8.85 -3.16
C ARG E 33 40.29 8.84 -1.67
N ILE E 34 41.29 8.67 -0.87
CA ILE E 34 41.19 8.64 0.57
C ILE E 34 41.43 10.04 1.12
N THR E 35 40.78 10.39 2.23
CA THR E 35 40.82 11.73 2.78
C THR E 35 40.69 11.65 4.29
N TYR E 36 41.51 12.42 5.01
CA TYR E 36 41.68 12.18 6.44
C TYR E 36 42.35 13.34 7.13
N GLY E 37 41.76 13.82 8.23
CA GLY E 37 42.30 14.91 9.01
C GLY E 37 41.85 14.81 10.46
N GLU E 38 42.40 15.68 11.30
CA GLU E 38 41.95 15.70 12.69
C GLU E 38 40.47 16.07 12.75
N THR E 39 39.81 15.65 13.83
CA THR E 39 38.38 15.90 13.96
C THR E 39 38.11 17.39 14.11
N GLY E 40 37.20 17.90 13.30
CA GLY E 40 36.90 19.32 13.30
C GLY E 40 38.12 20.09 12.88
N GLY E 41 39.05 20.28 13.81
CA GLY E 41 40.31 20.95 13.56
C GLY E 41 41.41 20.35 14.42
N PRO E 44 44.65 21.25 8.44
CA PRO E 44 45.78 20.54 7.81
C PRO E 44 45.35 19.28 7.05
N VAL E 45 44.18 19.33 6.38
CA VAL E 45 43.57 18.19 5.71
C VAL E 45 44.57 17.51 4.78
N GLN E 46 44.37 16.22 4.54
CA GLN E 46 45.29 15.37 3.79
C GLN E 46 44.49 14.37 2.96
N GLU E 47 45.08 13.96 1.85
CA GLU E 47 44.40 12.93 1.08
C GLU E 47 45.43 12.19 0.22
N PHE E 48 44.99 11.05 -0.33
CA PHE E 48 45.81 10.35 -1.29
C PHE E 48 44.94 9.42 -2.12
N THR E 49 45.56 8.79 -3.09
CA THR E 49 44.86 8.26 -4.24
C THR E 49 45.31 6.83 -4.43
N VAL E 50 44.38 5.98 -4.79
CA VAL E 50 44.66 4.56 -4.91
C VAL E 50 43.98 4.10 -6.19
N PRO E 51 44.58 3.23 -6.99
CA PRO E 51 43.89 2.75 -8.20
C PRO E 51 42.67 1.88 -7.86
N GLY E 52 41.79 1.73 -8.85
CA GLY E 52 40.52 1.04 -8.61
C GLY E 52 40.68 -0.41 -8.26
N SER E 53 41.56 -1.10 -8.99
CA SER E 53 41.84 -2.51 -8.77
C SER E 53 42.17 -2.80 -7.32
N LYS E 54 42.96 -1.93 -6.69
CA LYS E 54 43.23 -2.12 -5.28
C LYS E 54 41.92 -2.01 -4.48
N SER E 55 41.95 -2.55 -3.26
CA SER E 55 40.81 -2.45 -2.36
C SER E 55 41.28 -2.32 -0.92
N THR E 56 42.54 -1.97 -0.71
CA THR E 56 43.11 -1.69 0.60
C THR E 56 44.04 -0.50 0.44
N ALA E 57 44.33 0.20 1.54
CA ALA E 57 45.21 1.35 1.48
C ALA E 57 45.83 1.61 2.84
N THR E 58 47.01 2.21 2.81
CA THR E 58 47.85 2.41 3.98
C THR E 58 47.96 3.92 4.30
N ILE E 59 47.00 4.42 5.07
CA ILE E 59 47.16 5.70 5.74
C ILE E 59 48.26 5.58 6.78
N SER E 60 49.12 6.60 6.87
CA SER E 60 50.30 6.49 7.72
C SER E 60 50.72 7.86 8.21
N GLY E 61 51.74 7.87 9.07
CA GLY E 61 52.29 9.12 9.58
C GLY E 61 51.30 9.92 10.39
N LEU E 62 50.48 9.25 11.19
CA LEU E 62 49.47 9.90 12.01
C LEU E 62 50.06 10.33 13.35
N LYS E 63 49.30 11.15 14.08
CA LYS E 63 49.69 11.57 15.43
C LYS E 63 49.05 10.65 16.46
N PRO E 64 49.82 9.82 17.17
CA PRO E 64 49.24 8.92 18.18
C PRO E 64 48.32 9.64 19.15
N GLY E 65 47.25 8.96 19.55
CA GLY E 65 46.31 9.46 20.53
C GLY E 65 45.28 10.44 20.01
N VAL E 66 45.41 10.89 18.77
CA VAL E 66 44.60 11.98 18.22
C VAL E 66 43.50 11.40 17.37
N ASP E 67 42.33 12.04 17.40
CA ASP E 67 41.18 11.56 16.65
C ASP E 67 41.20 12.07 15.21
N TYR E 68 40.69 11.24 14.30
CA TYR E 68 40.89 11.41 12.86
C TYR E 68 39.66 10.90 12.11
N THR E 69 38.94 11.78 11.41
CA THR E 69 37.86 11.33 10.56
C THR E 69 38.45 10.90 9.22
N ILE E 70 38.17 9.63 8.81
CA ILE E 70 38.61 9.08 7.53
C ILE E 70 37.43 9.08 6.56
N ALA E 71 37.71 9.03 5.26
CA ALA E 71 36.63 8.86 4.29
C ALA E 71 37.19 8.31 2.99
N LEU E 72 36.46 7.36 2.37
CA LEU E 72 36.80 6.87 1.04
C LEU E 72 35.85 7.44 0.00
N TYR E 73 36.41 7.75 -1.18
CA TYR E 73 35.73 8.44 -2.29
C TYR E 73 36.11 7.75 -3.59
N ALA E 74 35.13 7.66 -4.50
CA ALA E 74 35.30 6.93 -5.75
C ALA E 74 34.86 7.73 -6.96
N VAL E 75 35.63 7.58 -8.03
CA VAL E 75 35.39 8.20 -9.32
C VAL E 75 35.22 7.08 -10.33
N THR E 76 34.11 7.10 -11.01
CA THR E 76 33.64 5.97 -11.77
C THR E 76 34.16 6.10 -13.21
N THR E 77 33.70 5.22 -14.08
CA THR E 77 34.12 5.34 -15.46
C THR E 77 33.35 6.42 -16.19
N ARG E 78 32.19 6.80 -15.66
CA ARG E 78 31.37 7.86 -16.23
C ARG E 78 31.80 9.20 -15.71
N TRP E 79 33.03 9.28 -15.23
CA TRP E 79 33.64 10.52 -14.77
C TRP E 79 32.87 11.14 -13.61
N ARG E 80 32.35 10.29 -12.73
CA ARG E 80 31.48 10.73 -11.64
C ARG E 80 32.21 10.58 -10.31
N LEU E 81 31.65 11.18 -9.27
CA LEU E 81 32.33 11.18 -7.99
C LEU E 81 31.39 10.72 -6.89
N TYR E 82 31.86 9.77 -6.09
CA TYR E 82 31.04 9.25 -5.00
C TYR E 82 31.96 8.84 -3.88
N GLN E 83 31.41 8.85 -2.66
CA GLN E 83 32.10 8.43 -1.46
C GLN E 83 31.65 7.03 -1.02
N MET E 84 32.61 6.17 -0.77
CA MET E 84 32.39 4.81 -0.31
C MET E 84 32.18 4.86 1.18
N TRP E 85 30.91 4.91 1.60
CA TRP E 85 30.49 4.96 3.01
C TRP E 85 31.12 6.16 3.72
N GLN E 86 31.46 5.97 5.01
CA GLN E 86 32.11 6.98 5.91
C GLN E 86 32.46 6.34 7.26
N PRO E 87 33.69 6.42 7.82
CA PRO E 87 34.08 5.77 9.09
C PRO E 87 34.69 6.54 10.28
N ILE E 88 34.11 6.34 11.46
CA ILE E 88 34.53 6.97 12.75
C ILE E 88 35.87 6.38 13.23
N SER E 89 36.85 7.24 13.51
CA SER E 89 38.20 6.83 14.01
C SER E 89 38.70 7.86 15.02
N ILE E 90 38.87 7.45 16.28
CA ILE E 90 39.27 8.36 17.40
C ILE E 90 40.04 7.56 18.46
N ASN E 91 41.26 8.01 18.79
CA ASN E 91 42.07 7.36 19.84
C ASN E 91 41.96 8.17 21.14
N PRO F 5 -7.20 -31.37 -27.53
CA PRO F 5 -8.07 -32.45 -27.03
C PRO F 5 -9.06 -32.03 -25.94
N ARG F 6 -8.90 -30.83 -25.39
CA ARG F 6 -9.78 -30.27 -24.35
C ARG F 6 -9.91 -31.27 -23.21
N ASP F 7 -11.12 -31.56 -22.74
CA ASP F 7 -11.35 -32.58 -21.72
C ASP F 7 -12.22 -33.63 -22.36
N LEU F 8 -13.40 -33.80 -21.76
CA LEU F 8 -14.31 -34.91 -22.12
C LEU F 8 -15.37 -34.46 -23.12
N GLU F 9 -15.06 -33.44 -23.92
CA GLU F 9 -16.07 -33.01 -24.90
C GLU F 9 -16.14 -34.05 -26.03
N VAL F 10 -17.32 -34.22 -26.63
CA VAL F 10 -17.57 -35.18 -27.73
C VAL F 10 -17.04 -34.59 -29.04
N VAL F 11 -16.65 -35.44 -29.99
CA VAL F 11 -16.12 -35.04 -31.29
C VAL F 11 -17.17 -35.34 -32.34
N VAL F 12 -17.14 -36.54 -32.89
CA VAL F 12 -18.09 -36.92 -33.93
C VAL F 12 -19.31 -37.50 -33.25
N ALA F 13 -20.49 -36.94 -33.54
CA ALA F 13 -21.74 -37.45 -32.98
C ALA F 13 -22.73 -37.77 -34.11
N THR F 14 -23.18 -39.01 -34.17
CA THR F 14 -24.14 -39.51 -35.14
C THR F 14 -25.52 -39.71 -34.50
N PRO F 15 -26.57 -39.84 -35.31
CA PRO F 15 -27.92 -39.95 -34.72
C PRO F 15 -28.12 -41.21 -33.92
N THR F 16 -27.51 -42.31 -34.33
CA THR F 16 -27.58 -43.52 -33.53
C THR F 16 -26.63 -43.41 -32.34
N SER F 17 -25.36 -43.12 -32.60
CA SER F 17 -24.31 -43.30 -31.62
C SER F 17 -23.36 -42.11 -31.67
N LEU F 18 -22.66 -41.86 -30.56
CA LEU F 18 -21.77 -40.71 -30.41
C LEU F 18 -20.33 -41.15 -30.11
N LEU F 19 -19.40 -40.20 -30.10
CA LEU F 19 -17.99 -40.48 -29.83
C LEU F 19 -17.45 -39.54 -28.76
N ILE F 20 -16.97 -40.10 -27.64
CA ILE F 20 -16.41 -39.32 -26.56
C ILE F 20 -14.91 -39.52 -26.53
N SER F 21 -14.20 -38.49 -26.06
CA SER F 21 -12.76 -38.53 -25.86
C SER F 21 -12.39 -37.71 -24.64
N TRP F 22 -11.28 -38.08 -24.01
CA TRP F 22 -10.83 -37.44 -22.77
C TRP F 22 -9.31 -37.48 -22.72
N PRO F 23 -8.69 -36.63 -21.91
CA PRO F 23 -7.22 -36.60 -21.87
C PRO F 23 -6.64 -37.91 -21.36
N ALA F 24 -5.63 -38.41 -22.06
CA ALA F 24 -5.00 -39.66 -21.66
C ALA F 24 -4.16 -39.47 -20.40
N ASN F 25 -4.34 -40.36 -19.45
CA ASN F 25 -3.36 -40.62 -18.38
C ASN F 25 -2.75 -41.98 -18.68
N TYR F 26 -1.40 -42.08 -18.62
CA TYR F 26 -0.68 -43.34 -18.78
C TYR F 26 0.18 -43.68 -17.56
N TYR F 27 -0.18 -43.21 -16.37
CA TYR F 27 0.58 -43.58 -15.18
C TYR F 27 -0.27 -44.01 -13.99
N ASN F 28 -1.58 -43.83 -14.03
CA ASN F 28 -2.38 -43.87 -12.81
C ASN F 28 -3.66 -44.70 -12.93
N ILE F 29 -4.17 -44.98 -14.13
CA ILE F 29 -5.48 -45.56 -14.33
C ILE F 29 -5.38 -46.97 -14.94
N ARG F 30 -5.82 -47.98 -14.16
CA ARG F 30 -6.04 -49.32 -14.70
C ARG F 30 -7.04 -49.30 -15.86
N TYR F 31 -8.20 -48.69 -15.66
CA TYR F 31 -9.21 -48.66 -16.70
C TYR F 31 -10.27 -47.62 -16.33
N TYR F 32 -11.04 -47.27 -17.36
CA TYR F 32 -12.23 -46.47 -17.30
C TYR F 32 -13.48 -47.34 -17.54
N ARG F 33 -14.64 -46.83 -17.13
CA ARG F 33 -15.89 -47.43 -17.54
C ARG F 33 -16.89 -46.33 -17.88
N ILE F 34 -17.56 -46.50 -19.01
CA ILE F 34 -18.54 -45.57 -19.52
C ILE F 34 -19.91 -46.10 -19.15
N THR F 35 -20.71 -45.30 -18.47
CA THR F 35 -22.03 -45.72 -18.00
C THR F 35 -23.04 -44.76 -18.60
N TYR F 36 -23.80 -45.22 -19.57
CA TYR F 36 -24.74 -44.37 -20.28
C TYR F 36 -26.17 -44.85 -20.04
N GLY F 37 -27.14 -44.01 -20.38
CA GLY F 37 -28.52 -44.40 -20.11
C GLY F 37 -29.57 -43.34 -20.36
N GLU F 38 -30.80 -43.78 -20.66
CA GLU F 38 -31.87 -42.85 -20.99
C GLU F 38 -32.27 -42.08 -19.74
N THR F 39 -32.30 -40.75 -19.87
CA THR F 39 -32.56 -39.87 -18.72
C THR F 39 -33.87 -40.24 -18.02
N GLY F 40 -34.90 -40.56 -18.80
CA GLY F 40 -36.20 -40.93 -18.26
C GLY F 40 -36.27 -42.23 -17.47
N PRO F 44 -33.08 -49.58 -17.93
CA PRO F 44 -32.38 -50.54 -18.81
C PRO F 44 -30.97 -50.09 -19.17
N VAL F 45 -30.14 -49.69 -18.19
CA VAL F 45 -28.89 -48.95 -18.40
C VAL F 45 -27.74 -49.79 -18.93
N GLN F 46 -26.65 -49.12 -19.28
CA GLN F 46 -25.59 -49.76 -20.04
C GLN F 46 -24.23 -49.27 -19.58
N GLU F 47 -23.21 -50.07 -19.88
CA GLU F 47 -21.87 -49.71 -19.48
C GLU F 47 -20.89 -50.67 -20.14
N PHE F 48 -19.65 -50.21 -20.27
CA PHE F 48 -18.60 -51.04 -20.81
C PHE F 48 -17.29 -50.42 -20.32
N THR F 49 -16.21 -51.16 -20.44
CA THR F 49 -14.94 -50.58 -20.06
C THR F 49 -14.14 -50.29 -21.30
N VAL F 50 -12.96 -49.74 -21.07
CA VAL F 50 -12.05 -49.33 -22.13
C VAL F 50 -10.66 -49.40 -21.50
N PRO F 51 -9.65 -49.81 -22.25
CA PRO F 51 -8.30 -49.93 -21.67
C PRO F 51 -7.77 -48.61 -21.10
N GLY F 52 -7.25 -48.70 -19.88
CA GLY F 52 -6.69 -47.53 -19.19
C GLY F 52 -5.75 -46.63 -19.98
N SER F 53 -5.05 -47.15 -20.98
CA SER F 53 -4.23 -46.35 -21.86
C SER F 53 -4.98 -45.79 -23.08
N LYS F 54 -6.29 -45.61 -22.99
CA LYS F 54 -7.05 -45.06 -24.11
C LYS F 54 -7.55 -43.66 -23.76
N SER F 55 -8.11 -43.00 -24.75
CA SER F 55 -8.50 -41.60 -24.59
C SER F 55 -9.79 -41.25 -25.30
N THR F 56 -10.26 -42.07 -26.23
CA THR F 56 -11.55 -41.93 -26.88
C THR F 56 -12.38 -43.18 -26.62
N ALA F 57 -13.69 -43.05 -26.82
CA ALA F 57 -14.56 -44.20 -26.63
C ALA F 57 -15.84 -43.99 -27.42
N THR F 58 -16.29 -45.02 -28.14
CA THR F 58 -17.54 -44.97 -28.88
C THR F 58 -18.68 -45.62 -28.08
N ILE F 59 -19.88 -45.14 -28.34
CA ILE F 59 -21.10 -45.58 -27.67
C ILE F 59 -22.15 -45.78 -28.75
N SER F 60 -22.46 -47.05 -29.08
CA SER F 60 -23.26 -47.44 -30.24
C SER F 60 -24.70 -47.79 -29.89
N GLY F 61 -25.52 -47.87 -30.94
CA GLY F 61 -26.88 -48.34 -30.87
C GLY F 61 -27.75 -47.61 -29.86
N LEU F 62 -27.83 -46.30 -29.96
CA LEU F 62 -28.70 -45.56 -29.07
C LEU F 62 -29.96 -45.20 -29.85
N LYS F 63 -31.02 -44.92 -29.11
CA LYS F 63 -32.31 -44.60 -29.72
C LYS F 63 -32.27 -43.17 -30.23
N PRO F 64 -32.52 -42.94 -31.52
CA PRO F 64 -32.36 -41.58 -32.06
C PRO F 64 -33.43 -40.65 -31.53
N GLY F 65 -33.07 -39.39 -31.33
CA GLY F 65 -33.94 -38.42 -30.71
C GLY F 65 -34.19 -38.62 -29.24
N VAL F 66 -33.74 -39.74 -28.67
CA VAL F 66 -33.96 -40.04 -27.25
C VAL F 66 -32.83 -39.43 -26.44
N ASP F 67 -33.17 -38.93 -25.27
CA ASP F 67 -32.20 -38.24 -24.41
C ASP F 67 -31.36 -39.24 -23.63
N TYR F 68 -30.06 -39.07 -23.68
CA TYR F 68 -29.12 -39.92 -22.95
C TYR F 68 -28.35 -39.08 -21.93
N THR F 69 -27.66 -39.78 -21.04
CA THR F 69 -26.77 -39.14 -20.07
C THR F 69 -25.62 -40.10 -19.79
N ILE F 70 -24.41 -39.58 -19.81
CA ILE F 70 -23.21 -40.38 -19.88
C ILE F 70 -22.35 -40.07 -18.65
N ALA F 71 -21.34 -40.90 -18.42
CA ALA F 71 -20.51 -40.76 -17.24
C ALA F 71 -19.30 -41.66 -17.37
N LEU F 72 -18.14 -41.03 -17.41
CA LEU F 72 -16.87 -41.70 -17.45
C LEU F 72 -16.33 -41.83 -16.04
N TYR F 73 -15.98 -43.03 -15.66
CA TYR F 73 -15.37 -43.30 -14.38
C TYR F 73 -14.00 -43.88 -14.69
N ALA F 74 -13.24 -44.09 -13.63
CA ALA F 74 -11.85 -44.46 -13.80
C ALA F 74 -11.34 -45.04 -12.49
N VAL F 75 -10.64 -46.19 -12.59
CA VAL F 75 -10.06 -46.84 -11.43
C VAL F 75 -8.54 -46.68 -11.49
N THR F 76 -7.99 -46.12 -10.42
CA THR F 76 -6.59 -45.83 -10.21
C THR F 76 -5.82 -47.07 -9.81
N THR F 77 -4.49 -46.98 -9.82
CA THR F 77 -3.65 -48.13 -9.53
C THR F 77 -3.83 -48.65 -8.12
N ARG F 78 -4.46 -47.89 -7.24
CA ARG F 78 -4.85 -48.42 -5.94
C ARG F 78 -6.24 -49.06 -5.98
N TRP F 79 -6.86 -49.15 -7.16
CA TRP F 79 -8.19 -49.71 -7.38
C TRP F 79 -9.29 -48.83 -6.82
N ARG F 80 -9.05 -47.53 -6.61
CA ARG F 80 -10.08 -46.66 -6.11
C ARG F 80 -10.84 -46.02 -7.27
N LEU F 81 -12.07 -45.62 -6.97
CA LEU F 81 -13.02 -45.28 -8.01
C LEU F 81 -13.30 -43.79 -7.96
N TYR F 82 -13.32 -43.18 -9.13
CA TYR F 82 -13.62 -41.78 -9.31
C TYR F 82 -14.38 -41.67 -10.62
N GLN F 83 -15.46 -40.88 -10.61
CA GLN F 83 -15.95 -40.36 -11.87
C GLN F 83 -15.05 -39.21 -12.36
N MET F 84 -15.35 -38.74 -13.56
CA MET F 84 -14.55 -37.71 -14.22
C MET F 84 -15.52 -36.90 -15.10
N TRP F 85 -15.88 -35.68 -14.63
CA TRP F 85 -16.82 -34.72 -15.25
C TRP F 85 -18.27 -35.21 -15.32
N GLN F 86 -19.07 -34.81 -16.39
CA GLN F 86 -20.47 -35.27 -16.54
C GLN F 86 -21.23 -34.82 -17.79
N PRO F 87 -21.41 -35.65 -18.81
CA PRO F 87 -22.02 -35.21 -20.08
C PRO F 87 -23.48 -35.59 -20.15
N ILE F 88 -24.18 -34.93 -21.07
CA ILE F 88 -25.60 -35.19 -21.26
C ILE F 88 -25.94 -34.85 -22.70
N SER F 89 -26.83 -35.62 -23.29
CA SER F 89 -27.21 -35.45 -24.69
C SER F 89 -28.73 -35.34 -24.76
N ILE F 90 -29.27 -34.23 -24.25
CA ILE F 90 -30.68 -33.93 -24.49
C ILE F 90 -30.87 -33.63 -25.97
N ASN F 91 -31.70 -34.42 -26.63
CA ASN F 91 -31.94 -34.23 -28.05
C ASN F 91 -33.41 -33.99 -28.32
N PRO G 5 -2.98 43.10 -0.93
CA PRO G 5 -2.99 41.87 -1.72
C PRO G 5 -1.60 41.29 -1.97
N ARG G 6 -0.58 42.12 -1.85
CA ARG G 6 0.80 41.71 -2.09
C ARG G 6 1.57 41.65 -0.78
N ASP G 7 2.85 41.28 -0.89
CA ASP G 7 3.71 41.16 0.28
C ASP G 7 5.16 41.41 -0.13
N LEU G 8 5.81 42.35 0.56
CA LEU G 8 7.19 42.77 0.31
C LEU G 8 7.49 42.83 -1.20
N GLU G 9 6.80 43.73 -1.87
CA GLU G 9 7.00 43.90 -3.30
C GLU G 9 7.15 45.38 -3.60
N VAL G 10 8.15 45.69 -4.42
CA VAL G 10 8.43 47.07 -4.81
C VAL G 10 7.80 47.38 -6.16
N ALA G 13 7.70 51.96 -9.23
CA ALA G 13 9.09 52.36 -9.03
C ALA G 13 9.54 53.33 -10.11
N THR G 14 9.88 54.54 -9.69
CA THR G 14 10.43 55.61 -10.52
C THR G 14 11.95 55.54 -10.52
N PRO G 15 12.62 56.14 -11.52
CA PRO G 15 14.09 56.11 -11.51
C PRO G 15 14.72 56.70 -10.26
N THR G 16 13.99 57.54 -9.52
CA THR G 16 14.51 58.19 -8.32
C THR G 16 13.66 57.95 -7.09
N SER G 17 12.68 57.05 -7.15
CA SER G 17 11.83 56.72 -6.01
C SER G 17 11.11 55.41 -6.30
N LEU G 18 10.42 54.90 -5.29
CA LEU G 18 9.63 53.68 -5.46
C LEU G 18 8.61 53.58 -4.34
N LEU G 19 7.87 52.47 -4.35
CA LEU G 19 6.89 52.15 -3.31
C LEU G 19 7.15 50.73 -2.82
N ILE G 20 7.06 50.54 -1.50
CA ILE G 20 7.22 49.24 -0.88
C ILE G 20 6.01 48.96 0.00
N SER G 21 5.59 47.69 0.05
CA SER G 21 4.34 47.33 0.69
C SER G 21 4.51 46.00 1.42
N TRP G 22 3.61 45.77 2.38
CA TRP G 22 3.56 44.51 3.09
C TRP G 22 2.17 44.30 3.68
N PRO G 23 1.90 43.17 4.35
CA PRO G 23 0.64 43.04 5.09
C PRO G 23 0.80 43.45 6.55
N ALA G 24 -0.18 44.20 7.03
CA ALA G 24 -0.05 44.93 8.28
C ALA G 24 -0.56 44.10 9.45
N ASN G 25 0.26 44.05 10.50
CA ASN G 25 -0.08 43.37 11.76
C ASN G 25 -0.59 44.43 12.74
N TYR G 26 -1.82 44.24 13.22
CA TYR G 26 -2.45 45.17 14.14
C TYR G 26 -2.59 44.58 15.54
N TYR G 27 -1.61 43.79 15.98
CA TYR G 27 -1.74 43.19 17.29
C TYR G 27 -0.41 42.98 18.00
N ASN G 28 0.72 43.24 17.32
CA ASN G 28 1.97 42.71 17.82
C ASN G 28 3.19 43.59 17.54
N ILE G 29 3.07 44.54 16.62
CA ILE G 29 4.23 45.27 16.09
C ILE G 29 4.11 46.75 16.44
N ARG G 30 5.18 47.30 17.03
CA ARG G 30 5.24 48.71 17.41
C ARG G 30 5.63 49.61 16.24
N TYR G 31 6.73 49.30 15.56
CA TYR G 31 7.11 50.04 14.36
C TYR G 31 7.96 49.16 13.43
N TYR G 32 7.92 49.49 12.14
CA TYR G 32 8.77 48.88 11.14
C TYR G 32 9.96 49.78 10.86
N ARG G 33 11.00 49.19 10.29
CA ARG G 33 12.23 49.91 9.95
C ARG G 33 12.59 49.60 8.51
N ILE G 34 12.74 50.61 7.70
CA ILE G 34 13.31 50.48 6.37
C ILE G 34 14.78 50.92 6.47
N THR G 35 15.68 50.19 5.77
CA THR G 35 17.13 50.46 5.80
C THR G 35 17.71 50.22 4.41
N TYR G 36 17.31 51.04 3.45
CA TYR G 36 17.74 50.86 2.08
C TYR G 36 19.14 51.44 1.88
N GLY G 37 19.71 51.18 0.71
CA GLY G 37 21.04 51.66 0.39
C GLY G 37 21.64 50.84 -0.72
N GLU G 38 22.85 51.23 -1.12
CA GLU G 38 23.56 50.52 -2.17
C GLU G 38 24.23 49.26 -1.60
N THR G 39 24.85 48.47 -2.48
CA THR G 39 25.63 47.32 -2.04
C THR G 39 27.12 47.48 -2.28
N GLY G 40 27.53 47.99 -3.44
CA GLY G 40 28.94 48.14 -3.77
C GLY G 40 29.67 49.06 -2.82
N SER G 43 30.12 53.57 1.32
CA SER G 43 28.93 54.31 0.91
C SER G 43 28.01 54.52 2.11
N PRO G 44 27.09 55.49 2.04
CA PRO G 44 26.22 55.76 3.19
C PRO G 44 25.02 54.82 3.25
N VAL G 45 24.64 54.49 4.49
CA VAL G 45 23.49 53.64 4.75
C VAL G 45 22.31 54.51 5.17
N GLN G 46 21.13 54.16 4.69
CA GLN G 46 19.91 54.91 4.96
C GLN G 46 18.97 54.08 5.84
N GLU G 47 18.10 54.76 6.59
CA GLU G 47 17.16 54.10 7.50
C GLU G 47 16.13 55.09 8.00
N PHE G 48 14.93 54.60 8.31
CA PHE G 48 13.94 55.40 9.03
C PHE G 48 12.87 54.47 9.60
N THR G 49 12.11 54.99 10.56
CA THR G 49 11.05 54.24 11.24
C THR G 49 9.70 54.53 10.62
N VAL G 50 8.79 53.56 10.78
CA VAL G 50 7.37 53.68 10.53
C VAL G 50 6.66 52.84 11.60
N PRO G 51 5.81 53.42 12.50
CA PRO G 51 4.88 52.61 13.32
C PRO G 51 4.24 51.35 12.73
N GLY G 52 4.00 50.44 13.67
CA GLY G 52 3.55 49.09 13.40
C GLY G 52 2.16 49.00 12.85
N SER G 53 1.35 50.05 12.98
CA SER G 53 0.06 50.09 12.28
C SER G 53 0.20 50.57 10.84
N LYS G 54 1.28 50.16 10.16
CA LYS G 54 1.54 50.55 8.79
C LYS G 54 1.70 49.33 7.89
N SER G 55 1.55 49.58 6.59
CA SER G 55 1.69 48.54 5.59
C SER G 55 2.36 49.00 4.30
N THR G 56 2.44 50.31 4.04
CA THR G 56 3.11 50.82 2.86
C THR G 56 4.00 52.01 3.26
N ALA G 57 4.99 52.28 2.42
CA ALA G 57 5.95 53.34 2.69
C ALA G 57 6.61 53.74 1.38
N THR G 58 7.28 54.90 1.42
CA THR G 58 7.93 55.48 0.26
C THR G 58 9.43 55.61 0.52
N ILE G 59 10.19 55.65 -0.57
CA ILE G 59 11.62 55.89 -0.51
C ILE G 59 11.95 56.86 -1.64
N SER G 60 12.54 58.01 -1.28
CA SER G 60 12.68 59.13 -2.19
C SER G 60 14.14 59.48 -2.43
N GLY G 61 14.39 60.09 -3.59
CA GLY G 61 15.70 60.62 -3.93
C GLY G 61 16.84 59.61 -3.91
N LEU G 62 16.78 58.63 -4.79
CA LEU G 62 17.89 57.70 -4.98
C LEU G 62 18.70 58.10 -6.20
N LYS G 63 19.72 57.32 -6.52
CA LYS G 63 20.50 57.53 -7.72
C LYS G 63 20.04 56.55 -8.78
N PRO G 64 19.47 57.01 -9.89
CA PRO G 64 18.99 56.05 -10.91
C PRO G 64 20.13 55.18 -11.44
N GLY G 65 19.88 53.88 -11.47
CA GLY G 65 20.80 52.96 -12.11
C GLY G 65 21.91 52.41 -11.25
N VAL G 66 21.80 52.45 -9.92
CA VAL G 66 22.76 51.80 -9.05
C VAL G 66 22.01 50.87 -8.10
N ASP G 67 22.62 49.72 -7.83
CA ASP G 67 22.00 48.66 -7.05
C ASP G 67 21.66 49.12 -5.64
N TYR G 68 20.55 48.61 -5.10
CA TYR G 68 20.08 48.97 -3.77
C TYR G 68 19.65 47.74 -2.98
N THR G 69 20.38 47.42 -1.92
CA THR G 69 19.88 46.51 -0.92
C THR G 69 18.92 47.27 -0.01
N ILE G 70 17.67 46.81 0.06
CA ILE G 70 16.60 47.53 0.74
C ILE G 70 15.93 46.59 1.71
N ALA G 71 15.93 46.93 3.00
CA ALA G 71 15.65 45.94 4.04
C ALA G 71 14.67 46.50 5.07
N LEU G 72 13.63 45.71 5.39
CA LEU G 72 12.52 46.17 6.21
C LEU G 72 12.32 45.22 7.40
N TYR G 73 12.14 45.79 8.61
CA TYR G 73 12.29 45.07 9.88
C TYR G 73 11.07 45.32 10.77
N ALA G 74 11.04 44.65 11.93
CA ALA G 74 9.93 44.78 12.86
C ALA G 74 10.36 44.53 14.30
N VAL G 75 9.64 45.17 15.23
CA VAL G 75 9.89 45.11 16.67
C VAL G 75 8.59 44.76 17.40
N THR G 76 8.59 43.65 18.13
CA THR G 76 7.36 43.14 18.72
C THR G 76 6.98 43.90 20.00
N THR G 77 5.90 43.43 20.63
CA THR G 77 5.34 44.10 21.78
C THR G 77 6.29 44.11 22.96
N ARG G 78 7.06 43.04 23.13
CA ARG G 78 8.09 43.01 24.16
C ARG G 78 9.44 43.49 23.65
N TRP G 79 9.44 44.45 22.73
CA TRP G 79 10.67 45.04 22.17
C TRP G 79 11.60 43.95 21.64
N ARG G 80 11.20 43.34 20.53
CA ARG G 80 11.97 42.27 19.93
C ARG G 80 12.10 42.49 18.43
N LEU G 81 13.35 42.57 17.96
CA LEU G 81 13.62 42.92 16.57
C LEU G 81 13.62 41.65 15.72
N TYR G 82 12.95 41.72 14.58
CA TYR G 82 12.90 40.59 13.68
C TYR G 82 13.07 41.07 12.25
N GLN G 83 13.91 40.36 11.52
CA GLN G 83 14.01 40.49 10.08
C GLN G 83 12.66 40.18 9.44
N MET G 84 12.46 40.71 8.23
CA MET G 84 11.22 40.47 7.48
C MET G 84 11.52 40.48 5.98
N TRP G 85 11.91 39.31 5.46
CA TRP G 85 11.95 38.95 4.04
C TRP G 85 13.17 39.49 3.24
N GLN G 86 13.29 40.81 3.09
CA GLN G 86 14.42 41.58 2.47
C GLN G 86 14.80 41.22 1.03
N PRO G 87 14.34 41.95 -0.01
CA PRO G 87 14.74 41.68 -1.39
C PRO G 87 15.61 42.81 -1.97
N ILE G 88 16.64 42.48 -2.76
CA ILE G 88 17.53 43.51 -3.37
C ILE G 88 17.01 43.97 -4.73
N SER G 89 17.90 44.54 -5.55
CA SER G 89 17.59 45.02 -6.92
C SER G 89 18.88 45.35 -7.68
N ILE G 90 19.73 44.35 -7.90
CA ILE G 90 21.01 44.57 -8.65
C ILE G 90 20.65 45.24 -9.99
N ASN G 91 21.24 46.39 -10.28
CA ASN G 91 20.94 47.13 -11.54
C ASN G 91 22.24 47.70 -12.12
N ARG H 6 -30.06 -0.55 20.13
CA ARG H 6 -28.60 -0.45 20.01
C ARG H 6 -28.05 -1.63 19.21
N ASP H 7 -28.01 -2.81 19.82
CA ASP H 7 -27.59 -4.03 19.17
C ASP H 7 -28.78 -4.97 19.05
N LEU H 8 -28.92 -5.61 17.90
CA LEU H 8 -29.98 -6.61 17.78
C LEU H 8 -29.60 -7.77 18.68
N GLU H 9 -30.20 -7.80 19.88
CA GLU H 9 -29.98 -8.88 20.83
C GLU H 9 -31.34 -9.20 21.47
N VAL H 10 -31.34 -9.87 22.62
CA VAL H 10 -32.56 -10.14 23.36
C VAL H 10 -32.54 -9.43 24.71
N PRO H 15 -38.89 -17.77 31.37
CA PRO H 15 -39.10 -19.13 30.87
C PRO H 15 -40.02 -19.11 29.65
N THR H 16 -41.30 -18.80 29.88
CA THR H 16 -42.29 -18.77 28.78
C THR H 16 -42.01 -17.55 27.89
N SER H 17 -41.50 -16.47 28.47
CA SER H 17 -41.25 -15.20 27.72
C SER H 17 -39.88 -14.59 28.01
N LEU H 18 -39.35 -13.85 27.02
CA LEU H 18 -38.09 -13.05 27.02
C LEU H 18 -38.00 -12.37 25.65
N LEU H 19 -38.23 -11.06 25.59
CA LEU H 19 -38.36 -10.28 24.33
C LEU H 19 -37.05 -10.11 23.54
N ILE H 20 -37.21 -9.57 22.33
CA ILE H 20 -36.20 -9.17 21.34
C ILE H 20 -36.45 -7.72 20.95
N SER H 21 -35.42 -6.90 21.07
CA SER H 21 -35.45 -5.50 20.67
C SER H 21 -34.32 -5.26 19.66
N TRP H 22 -34.38 -4.14 18.96
CA TRP H 22 -33.39 -3.86 17.94
C TRP H 22 -33.52 -2.41 17.50
N PRO H 23 -32.50 -1.87 16.82
CA PRO H 23 -32.57 -0.52 16.27
C PRO H 23 -33.73 -0.33 15.30
N ALA H 24 -34.50 0.72 15.54
CA ALA H 24 -35.66 1.02 14.72
C ALA H 24 -35.26 1.60 13.36
N ASN H 25 -36.23 1.62 12.45
CA ASN H 25 -36.07 2.28 11.15
C ASN H 25 -37.44 2.77 10.74
N TYR H 26 -37.59 4.07 10.54
CA TYR H 26 -38.85 4.69 10.13
C TYR H 26 -38.81 5.18 8.68
N TYR H 27 -37.92 4.64 7.85
CA TYR H 27 -37.77 5.19 6.51
C TYR H 27 -37.49 4.13 5.42
N ASN H 28 -37.09 2.91 5.77
CA ASN H 28 -36.73 1.94 4.75
C ASN H 28 -37.50 0.60 4.81
N ILE H 29 -37.97 0.20 5.98
CA ILE H 29 -38.56 -1.13 6.21
C ILE H 29 -40.09 -1.06 6.10
N ARG H 30 -40.67 -1.88 5.22
CA ARG H 30 -42.13 -2.02 5.18
C ARG H 30 -42.64 -2.94 6.28
N TYR H 31 -42.04 -4.13 6.43
CA TYR H 31 -42.39 -4.98 7.55
C TYR H 31 -41.17 -5.78 7.99
N TYR H 32 -41.32 -6.43 9.16
CA TYR H 32 -40.38 -7.39 9.71
C TYR H 32 -41.00 -8.78 9.71
N ARG H 33 -40.23 -9.76 10.18
CA ARG H 33 -40.60 -11.16 10.06
C ARG H 33 -39.74 -12.03 10.97
N ILE H 34 -40.34 -12.71 11.94
CA ILE H 34 -39.60 -13.42 12.98
C ILE H 34 -39.76 -14.93 12.76
N THR H 35 -38.76 -15.55 12.13
CA THR H 35 -38.76 -16.99 11.84
C THR H 35 -38.03 -17.73 12.95
N TYR H 36 -38.73 -18.65 13.64
CA TYR H 36 -38.08 -19.35 14.78
C TYR H 36 -38.40 -20.85 14.79
N GLY H 37 -37.90 -21.52 15.83
CA GLY H 37 -38.06 -22.97 16.01
C GLY H 37 -37.03 -23.51 16.98
N GLU H 38 -36.63 -24.77 16.77
CA GLU H 38 -35.61 -25.43 17.64
C GLU H 38 -34.48 -25.97 16.75
N THR H 39 -33.45 -26.56 17.35
CA THR H 39 -32.32 -27.16 16.60
C THR H 39 -31.78 -26.18 15.56
N VAL H 45 -41.44 -25.34 11.07
CA VAL H 45 -40.86 -24.00 11.13
C VAL H 45 -41.96 -22.99 11.44
N GLN H 46 -41.66 -22.08 12.38
CA GLN H 46 -42.58 -21.08 12.90
C GLN H 46 -42.11 -19.68 12.52
N GLU H 47 -43.05 -18.76 12.40
CA GLU H 47 -42.74 -17.35 12.14
C GLU H 47 -43.98 -16.50 12.38
N PHE H 48 -43.78 -15.19 12.46
CA PHE H 48 -44.88 -14.21 12.43
C PHE H 48 -44.37 -12.91 11.81
N THR H 49 -45.13 -11.83 12.00
CA THR H 49 -44.81 -10.54 11.35
C THR H 49 -44.99 -9.35 12.29
N VAL H 50 -44.12 -8.34 12.10
CA VAL H 50 -44.13 -7.03 12.82
C VAL H 50 -43.95 -5.99 11.71
N PRO H 51 -44.65 -4.84 11.74
CA PRO H 51 -44.53 -3.84 10.67
C PRO H 51 -43.28 -2.99 10.89
N GLY H 52 -42.73 -2.41 9.82
CA GLY H 52 -41.48 -1.61 9.87
C GLY H 52 -41.36 -0.67 11.05
N SER H 53 -42.41 0.11 11.31
CA SER H 53 -42.44 1.20 12.32
C SER H 53 -42.21 0.77 13.77
N LYS H 54 -42.31 -0.55 14.00
CA LYS H 54 -42.19 -1.15 15.36
C LYS H 54 -40.77 -1.66 15.58
N SER H 55 -40.45 -2.10 16.79
CA SER H 55 -39.07 -2.56 17.08
C SER H 55 -38.99 -3.57 18.24
N THR H 56 -39.80 -4.62 18.23
CA THR H 56 -39.70 -5.67 19.29
C THR H 56 -40.20 -7.01 18.74
N THR H 58 -42.80 -10.37 22.06
CA THR H 58 -43.98 -11.25 22.15
C THR H 58 -43.57 -12.69 21.82
N ILE H 59 -42.78 -13.32 22.70
CA ILE H 59 -42.36 -14.73 22.47
C ILE H 59 -42.91 -15.57 23.62
N SER H 60 -43.84 -16.48 23.32
CA SER H 60 -44.48 -17.35 24.34
C SER H 60 -44.81 -18.70 23.72
N GLY H 61 -45.59 -19.54 24.41
CA GLY H 61 -45.92 -20.86 23.87
C GLY H 61 -44.66 -21.70 23.76
N PRO H 64 -39.23 -24.06 27.85
CA PRO H 64 -38.01 -23.66 28.56
C PRO H 64 -36.92 -24.71 28.35
N GLY H 65 -35.66 -24.32 28.59
CA GLY H 65 -34.52 -25.24 28.45
C GLY H 65 -34.56 -26.00 27.13
N VAL H 66 -34.72 -25.28 26.02
CA VAL H 66 -34.78 -25.90 24.67
C VAL H 66 -34.00 -25.00 23.71
N ASP H 67 -33.04 -25.53 22.97
CA ASP H 67 -32.33 -24.66 22.00
C ASP H 67 -33.35 -24.11 21.00
N TYR H 68 -33.35 -22.81 20.77
CA TYR H 68 -34.31 -22.26 19.78
C TYR H 68 -33.53 -21.41 18.77
N THR H 69 -34.04 -21.34 17.54
CA THR H 69 -33.41 -20.57 16.44
C THR H 69 -34.22 -19.31 16.18
N ILE H 70 -33.76 -18.16 16.67
CA ILE H 70 -34.48 -16.87 16.48
C ILE H 70 -33.89 -16.16 15.27
N ALA H 71 -34.71 -15.43 14.51
CA ALA H 71 -34.21 -14.72 13.31
C ALA H 71 -35.14 -13.54 12.98
N LEU H 72 -34.58 -12.47 12.39
CA LEU H 72 -35.30 -11.26 11.99
C LEU H 72 -35.02 -10.93 10.53
N TYR H 73 -36.03 -10.41 9.84
CA TYR H 73 -35.98 -10.15 8.40
C TYR H 73 -36.67 -8.81 8.14
N ALA H 74 -36.45 -8.23 6.95
CA ALA H 74 -37.18 -7.01 6.59
C ALA H 74 -37.19 -6.81 5.08
N VAL H 75 -38.22 -6.11 4.59
CA VAL H 75 -38.46 -5.93 3.17
C VAL H 75 -38.66 -4.45 2.85
N THR H 76 -37.88 -3.95 1.90
CA THR H 76 -37.71 -2.50 1.72
C THR H 76 -38.84 -1.91 0.88
N THR H 77 -38.65 -0.64 0.49
CA THR H 77 -39.65 0.10 -0.27
C THR H 77 -39.69 -0.37 -1.71
N ARG H 78 -38.58 -0.90 -2.21
CA ARG H 78 -38.52 -1.58 -3.50
C ARG H 78 -38.77 -3.09 -3.36
N TRP H 79 -39.29 -3.51 -2.21
CA TRP H 79 -39.63 -4.90 -1.94
C TRP H 79 -38.38 -5.78 -2.03
N ARG H 80 -37.39 -5.44 -1.24
CA ARG H 80 -36.20 -6.27 -1.19
C ARG H 80 -36.04 -6.88 0.19
N LEU H 81 -35.68 -8.16 0.23
CA LEU H 81 -35.48 -8.87 1.48
C LEU H 81 -34.02 -8.79 1.90
N TYR H 82 -33.77 -8.43 3.16
CA TYR H 82 -32.45 -8.59 3.76
C TYR H 82 -32.61 -9.22 5.13
N GLN H 83 -31.53 -9.86 5.56
CA GLN H 83 -31.50 -10.51 6.85
C GLN H 83 -31.02 -9.48 7.86
N MET H 84 -31.54 -9.58 9.07
CA MET H 84 -31.17 -8.64 10.11
C MET H 84 -30.22 -9.33 11.06
N TRP H 85 -28.97 -8.83 11.10
CA TRP H 85 -27.97 -9.20 12.09
C TRP H 85 -27.81 -10.72 12.20
N GLN H 86 -27.68 -11.24 13.41
CA GLN H 86 -27.41 -12.66 13.58
C GLN H 86 -28.41 -13.30 14.54
N PRO H 87 -28.55 -14.62 14.48
CA PRO H 87 -29.58 -15.30 15.28
C PRO H 87 -29.11 -15.66 16.69
N ILE H 88 -29.41 -16.89 17.09
CA ILE H 88 -29.08 -17.46 18.42
C ILE H 88 -29.44 -16.48 19.53
#